data_6WXW
#
_entry.id   6WXW
#
_cell.length_a   174.152
_cell.length_b   124.709
_cell.length_c   42.643
_cell.angle_alpha   90.000
_cell.angle_beta   96.880
_cell.angle_gamma   90.000
#
_symmetry.space_group_name_H-M   'C 1 2 1'
#
loop_
_entity.id
_entity.type
_entity.pdbx_description
1 polymer Card1
2 water water
#
_entity_poly.entity_id   1
_entity_poly.type   'polypeptide(L)'
_entity_poly.pdbx_seq_one_letter_code
;MKETILVNLVSEQTIPNVQFIKWYFNKKQTPMKILLVSTKEMEQKEKSLFIKNALHFSDSFVEWETIHTDGNDISKTENI
LTDYFRDNEYKNIIVNITGGTKIMSLAAFDFFNNKPNTEIFYQPIGKELQELYPNKQKYDMFEVLSLKEYLDAHGISYKY
DNECVKDWNYNKTVYDLCVADNRELIKGMIALQNNSYFNNVYKRKDFLDFTQIEEEKFIAINHPAATKENMIKILQIFGF
DVSRIEHKHIRYITGGWFEEYVYQKICNEYHNVDEKNVALNVTIQKGNDKNELDVIYLDKDNKLHVIECKSFVDGNEGNR
VLNDALYKLQAIIKSKFGLYVKQHLYTKSIIEKETPLNRAKEFGIDIKDGTQLGSGHHHHHH
;
_entity_poly.pdbx_strand_id   A,B
#
# COMPACT_ATOMS: atom_id res chain seq x y z
N LYS A 2 -33.65 -19.53 15.89
CA LYS A 2 -34.33 -19.35 17.17
C LYS A 2 -33.73 -20.20 18.30
N GLU A 3 -33.45 -21.49 18.03
CA GLU A 3 -32.80 -22.35 19.02
C GLU A 3 -31.29 -22.29 18.97
N THR A 4 -30.71 -21.92 17.83
CA THR A 4 -29.26 -21.82 17.67
C THR A 4 -28.92 -20.40 17.28
N ILE A 5 -27.97 -19.79 17.99
CA ILE A 5 -27.51 -18.46 17.66
C ILE A 5 -26.01 -18.52 17.35
N LEU A 6 -25.61 -17.78 16.32
CA LEU A 6 -24.24 -17.72 15.88
C LEU A 6 -23.76 -16.29 16.05
N VAL A 7 -22.67 -16.12 16.82
CA VAL A 7 -22.17 -14.81 17.20
C VAL A 7 -20.87 -14.56 16.45
N ASN A 8 -20.82 -13.46 15.69
CA ASN A 8 -19.64 -13.03 14.94
C ASN A 8 -19.31 -11.59 15.28
N LEU A 9 -18.01 -11.32 15.48
CA LEU A 9 -17.50 -9.97 15.63
C LEU A 9 -17.07 -9.44 14.27
N VAL A 10 -17.42 -8.19 13.98
CA VAL A 10 -17.30 -7.64 12.64
C VAL A 10 -15.97 -6.90 12.48
N SER A 11 -15.29 -7.17 11.39
CA SER A 11 -14.00 -6.58 11.08
C SER A 11 -14.01 -6.06 9.64
N GLU A 12 -13.01 -5.23 9.33
CA GLU A 12 -12.96 -4.58 8.02
C GLU A 12 -12.97 -5.60 6.88
N GLN A 13 -12.14 -6.64 6.98
CA GLN A 13 -12.14 -7.71 6.01
C GLN A 13 -13.21 -8.73 6.40
N THR A 14 -14.23 -8.87 5.57
CA THR A 14 -15.41 -9.64 5.88
C THR A 14 -15.34 -11.10 5.42
N ILE A 15 -14.41 -11.46 4.52
CA ILE A 15 -14.40 -12.83 3.98
C ILE A 15 -14.28 -13.90 5.07
N PRO A 16 -13.45 -13.76 6.10
CA PRO A 16 -13.42 -14.80 7.16
C PRO A 16 -14.77 -15.03 7.83
N ASN A 17 -15.51 -13.96 8.12
CA ASN A 17 -16.84 -14.13 8.70
C ASN A 17 -17.77 -14.87 7.75
N VAL A 18 -17.77 -14.49 6.47
CA VAL A 18 -18.61 -15.21 5.49
C VAL A 18 -18.24 -16.69 5.48
N GLN A 19 -16.95 -17.00 5.48
CA GLN A 19 -16.53 -18.41 5.45
C GLN A 19 -16.97 -19.15 6.70
N PHE A 20 -16.80 -18.54 7.88
CA PHE A 20 -17.18 -19.25 9.09
C PHE A 20 -18.67 -19.54 9.13
N ILE A 21 -19.49 -18.53 8.82
CA ILE A 21 -20.93 -18.72 8.76
C ILE A 21 -21.30 -19.80 7.74
N LYS A 22 -20.68 -19.74 6.56
CA LYS A 22 -20.95 -20.74 5.53
C LYS A 22 -20.50 -22.13 5.98
N TRP A 23 -19.39 -22.21 6.70
CA TRP A 23 -18.92 -23.51 7.18
C TRP A 23 -19.86 -24.10 8.23
N TYR A 24 -20.41 -23.26 9.12
CA TYR A 24 -21.28 -23.80 10.16
C TYR A 24 -22.65 -24.17 9.60
N PHE A 25 -23.23 -23.30 8.76
CA PHE A 25 -24.57 -23.57 8.23
C PHE A 25 -24.57 -24.80 7.33
N ASN A 26 -23.60 -24.93 6.45
CA ASN A 26 -23.54 -26.10 5.59
C ASN A 26 -23.32 -27.38 6.39
N LYS A 27 -22.76 -27.28 7.59
CA LYS A 27 -22.52 -28.49 8.35
C LYS A 27 -23.73 -28.86 9.23
N LYS A 28 -24.53 -27.87 9.62
CA LYS A 28 -25.71 -28.11 10.47
C LYS A 28 -27.01 -28.08 9.69
N GLN A 29 -27.19 -27.08 8.82
CA GLN A 29 -28.36 -26.95 7.95
C GLN A 29 -29.67 -27.01 8.75
N THR A 30 -29.85 -25.97 9.57
CA THR A 30 -30.97 -25.85 10.49
C THR A 30 -31.24 -24.37 10.69
N PRO A 31 -32.47 -23.98 11.04
CA PRO A 31 -32.74 -22.56 11.28
C PRO A 31 -31.90 -22.03 12.43
N MET A 32 -31.46 -20.78 12.29
CA MET A 32 -30.62 -20.17 13.31
C MET A 32 -30.79 -18.66 13.26
N LYS A 33 -30.26 -18.02 14.29
CA LYS A 33 -30.10 -16.57 14.32
C LYS A 33 -28.61 -16.26 14.28
N ILE A 34 -28.26 -15.15 13.64
CA ILE A 34 -26.88 -14.72 13.54
C ILE A 34 -26.80 -13.34 14.15
N LEU A 35 -25.98 -13.20 15.18
CA LEU A 35 -25.76 -11.94 15.86
C LEU A 35 -24.38 -11.42 15.45
N LEU A 36 -24.35 -10.22 14.88
CA LEU A 36 -23.11 -9.55 14.54
C LEU A 36 -22.86 -8.46 15.56
N VAL A 37 -21.72 -8.53 16.24
CA VAL A 37 -21.26 -7.48 17.14
C VAL A 37 -20.32 -6.60 16.35
N SER A 38 -20.66 -5.32 16.23
CA SER A 38 -19.99 -4.39 15.33
C SER A 38 -19.69 -3.08 16.07
N THR A 39 -19.23 -2.09 15.33
CA THR A 39 -18.91 -0.76 15.84
C THR A 39 -19.54 0.29 14.95
N LYS A 40 -19.46 1.54 15.43
CA LYS A 40 -19.92 2.66 14.60
C LYS A 40 -19.10 2.75 13.31
N GLU A 41 -17.80 2.49 13.39
CA GLU A 41 -16.95 2.60 12.20
C GLU A 41 -17.25 1.49 11.21
N MET A 42 -17.44 0.26 11.69
CA MET A 42 -17.73 -0.84 10.80
C MET A 42 -19.11 -0.69 10.15
N GLU A 43 -20.09 -0.25 10.93
CA GLU A 43 -21.45 -0.15 10.39
C GLU A 43 -21.58 1.05 9.48
N GLN A 44 -20.74 2.06 9.64
CA GLN A 44 -20.71 3.15 8.68
C GLN A 44 -20.25 2.68 7.31
N LYS A 45 -19.48 1.60 7.25
CA LYS A 45 -19.10 0.98 5.99
C LYS A 45 -20.03 -0.19 5.62
N GLU A 46 -21.11 -0.37 6.36
CA GLU A 46 -22.14 -1.38 6.05
C GLU A 46 -21.55 -2.78 5.99
N LYS A 47 -20.55 -3.05 6.85
CA LYS A 47 -19.91 -4.36 6.85
C LYS A 47 -20.92 -5.46 7.20
N SER A 48 -21.83 -5.20 8.16
CA SER A 48 -22.85 -6.18 8.50
C SER A 48 -23.75 -6.48 7.30
N LEU A 49 -24.09 -5.45 6.53
CA LEU A 49 -24.91 -5.66 5.35
C LEU A 49 -24.19 -6.55 4.34
N PHE A 50 -22.90 -6.29 4.09
CA PHE A 50 -22.19 -7.08 3.09
C PHE A 50 -22.10 -8.54 3.51
N ILE A 51 -21.91 -8.79 4.80
CA ILE A 51 -21.89 -10.17 5.29
C ILE A 51 -23.21 -10.85 4.98
N LYS A 52 -24.32 -10.18 5.34
CA LYS A 52 -25.66 -10.72 5.07
C LYS A 52 -25.85 -11.06 3.60
N ASN A 53 -25.59 -10.07 2.72
CA ASN A 53 -25.81 -10.26 1.29
C ASN A 53 -24.97 -11.37 0.72
N ALA A 54 -23.78 -11.60 1.27
CA ALA A 54 -22.91 -12.64 0.73
C ALA A 54 -23.51 -14.03 0.97
N LEU A 55 -24.34 -14.18 2.01
CA LEU A 55 -24.87 -15.48 2.37
C LEU A 55 -26.18 -15.83 1.67
N HIS A 56 -27.00 -14.84 1.31
CA HIS A 56 -28.26 -15.07 0.58
C HIS A 56 -29.16 -16.08 1.29
N PHE A 57 -29.24 -15.99 2.61
CA PHE A 57 -30.22 -16.77 3.32
C PHE A 57 -31.61 -16.16 3.12
N SER A 58 -32.64 -16.99 3.26
CA SER A 58 -33.98 -16.48 3.46
C SER A 58 -34.16 -16.07 4.92
N ASP A 59 -34.81 -14.93 5.14
CA ASP A 59 -35.02 -14.46 6.51
C ASP A 59 -36.02 -15.32 7.26
N SER A 60 -36.73 -16.23 6.58
CA SER A 60 -37.55 -17.25 7.23
C SER A 60 -36.74 -18.34 7.91
N PHE A 61 -35.49 -18.51 7.52
CA PHE A 61 -34.65 -19.55 8.07
C PHE A 61 -33.47 -19.02 8.87
N VAL A 62 -32.95 -17.84 8.52
CA VAL A 62 -31.84 -17.23 9.21
C VAL A 62 -32.20 -15.79 9.55
N GLU A 63 -32.30 -15.50 10.85
CA GLU A 63 -32.56 -14.16 11.34
C GLU A 63 -31.23 -13.46 11.61
N TRP A 64 -31.10 -12.21 11.18
CA TRP A 64 -29.89 -11.43 11.38
C TRP A 64 -30.14 -10.28 12.34
N GLU A 65 -29.17 -10.01 13.21
CA GLU A 65 -29.22 -8.86 14.09
C GLU A 65 -27.81 -8.34 14.33
N THR A 66 -27.67 -7.02 14.27
CA THR A 66 -26.42 -6.33 14.58
C THR A 66 -26.59 -5.52 15.85
N ILE A 67 -25.62 -5.61 16.77
CA ILE A 67 -25.58 -4.78 17.96
C ILE A 67 -24.25 -4.04 17.99
N HIS A 68 -24.27 -2.79 18.45
CA HIS A 68 -23.12 -1.90 18.39
C HIS A 68 -22.44 -1.85 19.75
N THR A 69 -21.11 -1.79 19.73
CA THR A 69 -20.32 -1.60 20.94
C THR A 69 -19.20 -0.61 20.64
N ASP A 70 -18.57 -0.12 21.71
CA ASP A 70 -17.35 0.68 21.61
C ASP A 70 -16.18 -0.29 21.46
N GLY A 71 -15.45 -0.19 20.35
CA GLY A 71 -14.40 -1.14 20.06
C GLY A 71 -13.25 -1.16 21.06
N ASN A 72 -13.10 -0.11 21.86
CA ASN A 72 -12.00 -0.03 22.81
C ASN A 72 -12.48 -0.02 24.25
N ASP A 73 -13.70 -0.45 24.49
CA ASP A 73 -14.31 -0.38 25.82
C ASP A 73 -14.71 -1.80 26.20
N ILE A 74 -13.90 -2.43 27.06
CA ILE A 74 -14.09 -3.81 27.43
C ILE A 74 -15.39 -3.99 28.23
N SER A 75 -15.75 -2.97 29.03
CA SER A 75 -16.97 -3.06 29.82
C SER A 75 -18.21 -2.88 28.98
N LYS A 76 -18.16 -2.02 27.96
CA LYS A 76 -19.32 -1.83 27.12
C LYS A 76 -19.68 -3.13 26.39
N THR A 77 -18.67 -3.85 25.89
CA THR A 77 -18.97 -5.09 25.18
C THR A 77 -19.49 -6.17 26.14
N GLU A 78 -18.92 -6.24 27.34
CA GLU A 78 -19.48 -7.14 28.34
C GLU A 78 -20.93 -6.79 28.67
N ASN A 79 -21.24 -5.50 28.81
CA ASN A 79 -22.59 -5.08 29.17
C ASN A 79 -23.59 -5.46 28.08
N ILE A 80 -23.27 -5.15 26.82
CA ILE A 80 -24.24 -5.43 25.76
C ILE A 80 -24.38 -6.92 25.53
N LEU A 81 -23.33 -7.70 25.79
CA LEU A 81 -23.51 -9.14 25.64
C LEU A 81 -24.34 -9.70 26.79
N THR A 82 -24.07 -9.24 28.02
CA THR A 82 -24.91 -9.60 29.16
C THR A 82 -26.38 -9.27 28.88
N ASP A 83 -26.64 -8.03 28.47
CA ASP A 83 -28.00 -7.60 28.16
C ASP A 83 -28.61 -8.47 27.08
N TYR A 84 -27.87 -8.74 26.00
CA TYR A 84 -28.47 -9.47 24.89
C TYR A 84 -28.88 -10.88 25.30
N PHE A 85 -28.07 -11.53 26.12
CA PHE A 85 -28.25 -12.94 26.49
C PHE A 85 -28.94 -13.12 27.83
N ARG A 86 -29.40 -12.04 28.46
CA ARG A 86 -30.15 -12.16 29.71
C ARG A 86 -31.45 -12.90 29.48
N ASP A 87 -31.64 -14.00 30.21
CA ASP A 87 -32.85 -14.83 30.12
C ASP A 87 -32.95 -15.48 28.74
N ASN A 88 -31.83 -15.93 28.20
CA ASN A 88 -31.83 -16.59 26.91
C ASN A 88 -32.13 -18.08 27.08
N GLU A 89 -32.78 -18.66 26.07
CA GLU A 89 -33.03 -20.09 26.09
C GLU A 89 -32.41 -20.78 24.88
N TYR A 90 -31.37 -20.19 24.31
CA TYR A 90 -30.69 -20.82 23.18
C TYR A 90 -30.17 -22.19 23.58
N LYS A 91 -30.32 -23.16 22.68
CA LYS A 91 -29.77 -24.48 22.95
C LYS A 91 -28.29 -24.56 22.60
N ASN A 92 -27.88 -23.82 21.57
CA ASN A 92 -26.47 -23.73 21.20
C ASN A 92 -26.12 -22.26 21.00
N ILE A 93 -25.03 -21.84 21.62
CA ILE A 93 -24.39 -20.56 21.33
C ILE A 93 -23.07 -20.89 20.63
N ILE A 94 -22.85 -20.31 19.46
CA ILE A 94 -21.64 -20.57 18.67
C ILE A 94 -20.95 -19.22 18.43
N VAL A 95 -19.74 -19.08 18.96
CA VAL A 95 -19.06 -17.78 19.00
C VAL A 95 -17.78 -17.84 18.16
N ASN A 96 -17.60 -16.84 17.31
CA ASN A 96 -16.41 -16.68 16.48
C ASN A 96 -15.81 -15.34 16.86
N ILE A 97 -14.65 -15.36 17.51
CA ILE A 97 -14.04 -14.15 18.06
C ILE A 97 -12.88 -13.68 17.19
N THR A 98 -12.82 -14.16 15.94
CA THR A 98 -11.76 -13.75 15.02
C THR A 98 -11.81 -12.25 14.75
N GLY A 99 -12.96 -11.76 14.27
CA GLY A 99 -13.10 -10.38 13.88
C GLY A 99 -13.20 -9.43 15.06
N GLY A 100 -13.62 -8.22 14.77
CA GLY A 100 -13.65 -7.17 15.76
C GLY A 100 -12.26 -6.71 16.17
N THR A 101 -12.25 -5.73 17.07
CA THR A 101 -11.00 -5.27 17.65
C THR A 101 -10.48 -6.28 18.66
N LYS A 102 -9.27 -5.99 19.13
CA LYS A 102 -8.65 -6.82 20.15
C LYS A 102 -9.49 -6.82 21.43
N ILE A 103 -9.94 -5.64 21.85
CA ILE A 103 -10.73 -5.53 23.08
C ILE A 103 -12.07 -6.25 22.93
N MET A 104 -12.66 -6.20 21.75
CA MET A 104 -13.91 -6.92 21.53
C MET A 104 -13.72 -8.41 21.72
N SER A 105 -12.77 -9.00 21.00
CA SER A 105 -12.44 -10.42 21.18
C SER A 105 -12.14 -10.74 22.64
N LEU A 106 -11.42 -9.84 23.33
CA LEU A 106 -11.15 -10.04 24.74
C LEU A 106 -12.44 -10.13 25.54
N ALA A 107 -13.29 -9.10 25.41
CA ALA A 107 -14.54 -9.07 26.16
C ALA A 107 -15.44 -10.24 25.80
N ALA A 108 -15.54 -10.56 24.50
CA ALA A 108 -16.36 -11.69 24.06
C ALA A 108 -15.83 -13.00 24.63
N PHE A 109 -14.52 -13.18 24.64
CA PHE A 109 -13.97 -14.44 25.12
C PHE A 109 -14.24 -14.63 26.61
N ASP A 110 -14.10 -13.57 27.41
CA ASP A 110 -14.35 -13.73 28.85
C ASP A 110 -15.82 -14.02 29.11
N PHE A 111 -16.71 -13.39 28.35
CA PHE A 111 -18.14 -13.59 28.57
C PHE A 111 -18.56 -15.02 28.22
N PHE A 112 -18.14 -15.52 27.05
CA PHE A 112 -18.57 -16.83 26.58
C PHE A 112 -17.72 -17.99 27.09
N ASN A 113 -16.53 -17.73 27.64
CA ASN A 113 -15.71 -18.81 28.18
C ASN A 113 -16.40 -19.45 29.38
N ASN A 114 -16.43 -20.79 29.40
CA ASN A 114 -17.10 -21.58 30.43
C ASN A 114 -18.60 -21.26 30.51
N LYS A 115 -19.21 -20.81 29.42
CA LYS A 115 -20.64 -20.60 29.42
C LYS A 115 -21.34 -21.87 28.96
N PRO A 116 -22.45 -22.25 29.60
CA PRO A 116 -23.14 -23.49 29.22
C PRO A 116 -23.59 -23.43 27.76
N ASN A 117 -23.48 -24.57 27.08
CA ASN A 117 -24.02 -24.72 25.72
C ASN A 117 -23.36 -23.78 24.73
N THR A 118 -22.08 -23.49 24.92
CA THR A 118 -21.38 -22.50 24.10
C THR A 118 -20.16 -23.13 23.46
N GLU A 119 -19.91 -22.77 22.21
CA GLU A 119 -18.68 -23.13 21.54
C GLU A 119 -18.02 -21.86 21.01
N ILE A 120 -16.73 -21.74 21.28
CA ILE A 120 -15.94 -20.58 20.90
C ILE A 120 -14.95 -21.01 19.83
N PHE A 121 -14.80 -20.20 18.79
CA PHE A 121 -13.90 -20.50 17.69
C PHE A 121 -13.05 -19.29 17.37
N TYR A 122 -11.87 -19.56 16.83
CA TYR A 122 -10.96 -18.52 16.34
C TYR A 122 -10.29 -19.04 15.07
N GLN A 123 -10.09 -18.16 14.10
CA GLN A 123 -9.46 -18.51 12.82
C GLN A 123 -8.29 -17.58 12.52
N PRO A 124 -7.06 -18.05 12.66
CA PRO A 124 -5.90 -17.26 12.22
C PRO A 124 -5.76 -17.28 10.72
N ILE A 125 -5.19 -16.21 10.18
CA ILE A 125 -5.07 -16.05 8.73
C ILE A 125 -4.27 -17.21 8.16
N GLY A 126 -4.85 -17.92 7.18
CA GLY A 126 -4.17 -18.98 6.48
C GLY A 126 -3.94 -20.24 7.27
N LYS A 127 -4.37 -20.29 8.53
CA LYS A 127 -4.20 -21.43 9.42
C LYS A 127 -5.52 -22.19 9.54
N GLU A 128 -5.47 -23.30 10.27
CA GLU A 128 -6.69 -24.07 10.45
C GLU A 128 -7.59 -23.41 11.48
N LEU A 129 -8.90 -23.59 11.28
CA LEU A 129 -9.85 -23.12 12.29
C LEU A 129 -9.56 -23.82 13.61
N GLN A 130 -9.64 -23.07 14.69
CA GLN A 130 -9.49 -23.60 16.03
C GLN A 130 -10.79 -23.45 16.80
N GLU A 131 -11.12 -24.49 17.54
CA GLU A 131 -12.04 -24.39 18.66
C GLU A 131 -11.21 -24.11 19.91
N LEU A 132 -11.59 -23.07 20.66
CA LEU A 132 -10.92 -22.76 21.92
C LEU A 132 -11.67 -23.27 23.14
N TYR A 133 -12.97 -23.54 23.03
CA TYR A 133 -13.79 -23.98 24.15
C TYR A 133 -15.07 -24.57 23.58
N PRO A 134 -15.59 -25.69 24.12
CA PRO A 134 -15.08 -26.41 25.30
C PRO A 134 -13.95 -27.41 25.04
N ASN A 135 -13.77 -27.87 23.79
CA ASN A 135 -12.75 -28.86 23.45
C ASN A 135 -11.75 -28.25 22.46
N LYS A 136 -10.52 -28.01 22.90
CA LYS A 136 -9.48 -27.49 22.02
C LYS A 136 -9.16 -28.49 20.91
N GLN A 137 -9.34 -28.07 19.66
CA GLN A 137 -8.98 -28.91 18.53
C GLN A 137 -8.92 -28.02 17.29
N LYS A 138 -8.49 -28.62 16.17
CA LYS A 138 -8.38 -27.89 14.92
C LYS A 138 -9.14 -28.61 13.82
N TYR A 139 -9.66 -27.82 12.88
CA TYR A 139 -10.41 -28.30 11.75
C TYR A 139 -9.75 -27.81 10.46
N ASP A 140 -9.68 -28.69 9.47
CA ASP A 140 -9.46 -28.25 8.09
C ASP A 140 -10.74 -27.56 7.67
N MET A 141 -10.72 -26.24 7.65
CA MET A 141 -11.90 -25.44 7.36
C MET A 141 -11.58 -24.60 6.13
N PHE A 142 -12.14 -24.99 4.98
CA PHE A 142 -12.00 -24.15 3.80
C PHE A 142 -13.28 -24.27 2.98
N GLU A 143 -14.17 -23.30 3.13
CA GLU A 143 -15.26 -23.06 2.22
C GLU A 143 -14.74 -22.19 1.09
N VAL A 144 -14.75 -22.72 -0.12
CA VAL A 144 -14.41 -21.90 -1.28
C VAL A 144 -15.64 -21.07 -1.65
N LEU A 145 -15.40 -19.81 -1.99
CA LEU A 145 -16.50 -18.92 -2.36
C LEU A 145 -16.62 -18.83 -3.87
N SER A 146 -17.79 -18.42 -4.32
CA SER A 146 -17.93 -18.02 -5.70
C SER A 146 -17.44 -16.59 -5.88
N LEU A 147 -17.23 -16.20 -7.14
CA LEU A 147 -16.83 -14.83 -7.42
C LEU A 147 -17.89 -13.85 -6.92
N LYS A 148 -19.17 -14.20 -7.09
CA LYS A 148 -20.23 -13.28 -6.68
C LYS A 148 -20.32 -13.14 -5.16
N GLU A 149 -20.14 -14.25 -4.43
CA GLU A 149 -20.14 -14.16 -2.97
C GLU A 149 -19.00 -13.28 -2.48
N TYR A 150 -17.81 -13.47 -3.06
CA TYR A 150 -16.67 -12.63 -2.71
C TYR A 150 -16.99 -11.16 -2.93
N LEU A 151 -17.53 -10.81 -4.10
CA LEU A 151 -17.80 -9.40 -4.39
C LEU A 151 -18.98 -8.89 -3.58
N ASP A 152 -20.01 -9.72 -3.40
CA ASP A 152 -21.09 -9.37 -2.48
C ASP A 152 -20.54 -9.06 -1.09
N ALA A 153 -19.49 -9.79 -0.67
CA ALA A 153 -18.91 -9.56 0.64
C ALA A 153 -18.23 -8.21 0.75
N HIS A 154 -17.91 -7.58 -0.39
CA HIS A 154 -17.29 -6.27 -0.42
C HIS A 154 -18.27 -5.16 -0.77
N GLY A 155 -19.55 -5.48 -0.87
CA GLY A 155 -20.54 -4.52 -1.32
C GLY A 155 -20.39 -4.11 -2.77
N ILE A 156 -19.84 -4.98 -3.62
CA ILE A 156 -19.56 -4.63 -5.00
C ILE A 156 -20.47 -5.43 -5.91
N SER A 157 -21.31 -4.74 -6.67
CA SER A 157 -22.04 -5.33 -7.78
C SER A 157 -21.18 -5.29 -9.03
N TYR A 158 -21.43 -6.22 -9.95
CA TYR A 158 -20.61 -6.26 -11.16
C TYR A 158 -21.41 -6.81 -12.31
N LYS A 159 -20.98 -6.45 -13.52
CA LYS A 159 -21.45 -7.00 -14.78
C LYS A 159 -20.24 -7.44 -15.60
N TYR A 160 -20.45 -8.47 -16.43
CA TYR A 160 -19.36 -9.02 -17.22
C TYR A 160 -19.94 -9.57 -18.52
N ASP A 161 -19.05 -9.79 -19.49
CA ASP A 161 -19.44 -10.36 -20.79
C ASP A 161 -18.41 -11.43 -21.14
N ASN A 162 -18.75 -12.69 -20.88
CA ASN A 162 -17.84 -13.80 -21.15
C ASN A 162 -17.99 -14.34 -22.57
N GLU A 163 -18.92 -13.80 -23.36
CA GLU A 163 -19.02 -14.18 -24.77
C GLU A 163 -17.80 -13.67 -25.53
N CYS A 164 -17.14 -14.57 -26.24
CA CYS A 164 -15.92 -14.29 -26.97
C CYS A 164 -16.20 -14.25 -28.46
N VAL A 165 -15.57 -13.31 -29.16
CA VAL A 165 -15.72 -13.24 -30.62
C VAL A 165 -15.18 -14.52 -31.27
N LYS A 166 -14.02 -14.98 -30.81
CA LYS A 166 -13.36 -16.15 -31.35
C LYS A 166 -13.12 -17.16 -30.23
N ASP A 167 -13.05 -18.43 -30.58
CA ASP A 167 -12.87 -19.44 -29.56
C ASP A 167 -11.39 -19.62 -29.21
N TRP A 168 -11.13 -20.52 -28.29
CA TRP A 168 -9.78 -20.76 -27.81
C TRP A 168 -8.86 -21.30 -28.92
N ASN A 169 -9.39 -22.16 -29.80
CA ASN A 169 -8.54 -22.68 -30.88
C ASN A 169 -8.06 -21.55 -31.78
N TYR A 170 -8.94 -20.60 -32.06
CA TYR A 170 -8.54 -19.42 -32.83
C TYR A 170 -7.53 -18.56 -32.05
N ASN A 171 -7.86 -18.23 -30.79
CA ASN A 171 -7.05 -17.27 -30.04
C ASN A 171 -5.69 -17.83 -29.64
N LYS A 172 -5.52 -19.16 -29.67
CA LYS A 172 -4.20 -19.75 -29.43
C LYS A 172 -3.18 -19.28 -30.47
N THR A 173 -3.58 -19.21 -31.74
CA THR A 173 -2.64 -18.89 -32.80
C THR A 173 -2.91 -17.56 -33.48
N VAL A 174 -3.83 -16.75 -32.94
CA VAL A 174 -4.19 -15.49 -33.60
C VAL A 174 -3.00 -14.54 -33.66
N TYR A 175 -2.15 -14.55 -32.63
CA TYR A 175 -1.05 -13.59 -32.60
C TYR A 175 -0.03 -13.90 -33.69
N ASP A 176 0.31 -15.19 -33.86
CA ASP A 176 1.30 -15.55 -34.85
C ASP A 176 0.79 -15.34 -36.27
N LEU A 177 -0.46 -15.73 -36.53
CA LEU A 177 -0.97 -15.74 -37.90
C LEU A 177 -1.65 -14.43 -38.31
N CYS A 178 -1.98 -13.55 -37.36
CA CYS A 178 -2.70 -12.33 -37.73
C CYS A 178 -2.11 -11.06 -37.11
N VAL A 179 -1.66 -11.13 -35.86
CA VAL A 179 -1.32 -9.90 -35.17
C VAL A 179 0.13 -9.51 -35.40
N ALA A 180 1.03 -10.50 -35.36
CA ALA A 180 2.46 -10.20 -35.33
C ALA A 180 2.93 -9.48 -36.59
N ASP A 181 2.50 -9.94 -37.76
CA ASP A 181 2.96 -9.36 -39.02
C ASP A 181 2.02 -8.28 -39.54
N ASN A 182 1.18 -7.69 -38.68
CA ASN A 182 0.22 -6.69 -39.13
C ASN A 182 0.10 -5.55 -38.13
N ARG A 183 1.15 -5.30 -37.35
CA ARG A 183 1.08 -4.36 -36.24
C ARG A 183 0.68 -2.97 -36.71
N GLU A 184 1.14 -2.56 -37.90
CA GLU A 184 0.83 -1.21 -38.35
C GLU A 184 -0.63 -1.07 -38.76
N LEU A 185 -1.19 -2.11 -39.39
CA LEU A 185 -2.60 -2.07 -39.76
C LEU A 185 -3.50 -1.97 -38.53
N ILE A 186 -3.13 -2.64 -37.44
CA ILE A 186 -3.94 -2.63 -36.24
C ILE A 186 -3.95 -1.24 -35.61
N LYS A 187 -2.81 -0.55 -35.63
CA LYS A 187 -2.75 0.80 -35.07
C LYS A 187 -3.69 1.75 -35.81
N GLY A 188 -3.84 1.58 -37.13
CA GLY A 188 -4.85 2.35 -37.84
C GLY A 188 -6.26 2.00 -37.40
N MET A 189 -6.51 0.73 -37.08
CA MET A 189 -7.83 0.37 -36.59
C MET A 189 -8.08 0.93 -35.19
N ILE A 190 -7.03 1.00 -34.38
CA ILE A 190 -7.14 1.63 -33.06
C ILE A 190 -7.54 3.09 -33.22
N ALA A 191 -6.90 3.79 -34.16
CA ALA A 191 -7.29 5.16 -34.45
C ALA A 191 -8.71 5.23 -34.98
N LEU A 192 -9.10 4.26 -35.83
CA LEU A 192 -10.46 4.25 -36.34
C LEU A 192 -11.49 4.12 -35.23
N GLN A 193 -11.19 3.28 -34.23
CA GLN A 193 -12.15 3.09 -33.13
C GLN A 193 -12.29 4.36 -32.30
N ASN A 194 -11.21 5.13 -32.16
CA ASN A 194 -11.25 6.35 -31.37
C ASN A 194 -11.80 7.54 -32.15
N ASN A 195 -12.00 7.40 -33.46
CA ASN A 195 -12.45 8.50 -34.29
C ASN A 195 -13.91 8.82 -34.03
N SER A 196 -14.23 10.12 -33.95
CA SER A 196 -15.56 10.57 -33.55
C SER A 196 -16.65 10.07 -34.49
N TYR A 197 -16.36 9.98 -35.80
CA TYR A 197 -17.40 9.54 -36.74
C TYR A 197 -17.82 8.10 -36.46
N PHE A 198 -16.85 7.19 -36.34
CA PHE A 198 -17.16 5.78 -36.13
C PHE A 198 -17.72 5.51 -34.74
N ASN A 199 -17.26 6.25 -33.74
CA ASN A 199 -17.83 6.09 -32.40
C ASN A 199 -19.29 6.54 -32.37
N ASN A 200 -19.59 7.67 -33.01
CA ASN A 200 -20.95 8.20 -32.99
C ASN A 200 -21.90 7.29 -33.76
N VAL A 201 -21.50 6.89 -34.97
CA VAL A 201 -22.40 6.11 -35.82
C VAL A 201 -22.76 4.77 -35.19
N TYR A 202 -21.89 4.22 -34.34
CA TYR A 202 -22.23 2.96 -33.67
C TYR A 202 -23.20 3.14 -32.50
N LYS A 203 -23.54 4.37 -32.11
CA LYS A 203 -24.65 4.52 -31.17
C LYS A 203 -25.99 4.51 -31.90
N ARG A 204 -25.99 4.79 -33.21
CA ARG A 204 -27.24 4.77 -33.96
C ARG A 204 -27.54 3.38 -34.52
N LYS A 205 -26.53 2.65 -34.99
CA LYS A 205 -26.75 1.35 -35.61
C LYS A 205 -25.77 0.30 -35.08
N ASP A 206 -26.14 -0.96 -35.28
CA ASP A 206 -25.35 -2.10 -34.82
C ASP A 206 -24.37 -2.63 -35.85
N PHE A 207 -24.67 -2.49 -37.14
CA PHE A 207 -23.82 -3.01 -38.22
C PHE A 207 -23.34 -1.87 -39.10
N LEU A 208 -22.07 -1.92 -39.48
CA LEU A 208 -21.51 -1.06 -40.50
C LEU A 208 -21.10 -1.90 -41.70
N ASP A 209 -21.16 -1.29 -42.89
CA ASP A 209 -20.68 -1.90 -44.12
C ASP A 209 -19.51 -1.06 -44.60
N PHE A 210 -18.29 -1.60 -44.48
CA PHE A 210 -17.11 -0.81 -44.76
C PHE A 210 -16.90 -0.61 -46.26
N THR A 211 -17.52 -1.44 -47.10
CA THR A 211 -17.44 -1.20 -48.54
C THR A 211 -18.22 0.06 -48.93
N GLN A 212 -19.23 0.44 -48.15
CA GLN A 212 -20.12 1.55 -48.48
C GLN A 212 -19.70 2.89 -47.86
N ILE A 213 -18.53 2.97 -47.25
CA ILE A 213 -18.11 4.17 -46.53
C ILE A 213 -17.19 5.00 -47.41
N GLU A 214 -17.40 6.31 -47.39
CA GLU A 214 -16.63 7.21 -48.24
C GLU A 214 -15.21 7.34 -47.71
N GLU A 215 -14.28 7.58 -48.64
CA GLU A 215 -12.87 7.68 -48.28
C GLU A 215 -12.57 8.90 -47.41
N GLU A 216 -13.37 9.97 -47.53
CA GLU A 216 -13.12 11.13 -46.67
C GLU A 216 -13.50 10.86 -45.22
N LYS A 217 -14.35 9.86 -44.97
CA LYS A 217 -14.59 9.44 -43.59
C LYS A 217 -13.37 8.75 -43.00
N PHE A 218 -12.60 8.06 -43.85
CA PHE A 218 -11.37 7.40 -43.41
C PHE A 218 -10.20 8.38 -43.31
N ILE A 219 -10.14 9.36 -44.22
CA ILE A 219 -9.08 10.36 -44.14
C ILE A 219 -9.21 11.19 -42.87
N ALA A 220 -10.45 11.39 -42.38
CA ALA A 220 -10.69 12.16 -41.17
C ALA A 220 -10.04 11.54 -39.93
N ILE A 221 -9.83 10.21 -39.93
CA ILE A 221 -9.13 9.57 -38.82
C ILE A 221 -7.75 10.18 -38.63
N ASN A 222 -7.13 10.62 -39.73
CA ASN A 222 -5.75 11.15 -39.75
C ASN A 222 -4.79 10.20 -39.02
N HIS A 223 -4.74 8.97 -39.51
CA HIS A 223 -3.69 8.01 -39.20
C HIS A 223 -3.23 7.47 -40.56
N PRO A 224 -1.93 7.50 -40.84
CA PRO A 224 -1.48 7.08 -42.19
C PRO A 224 -1.83 5.63 -42.51
N ALA A 225 -1.91 4.77 -41.51
CA ALA A 225 -2.38 3.40 -41.74
C ALA A 225 -3.88 3.37 -42.00
N ALA A 226 -4.63 4.25 -41.34
CA ALA A 226 -6.10 4.23 -41.39
C ALA A 226 -6.57 4.74 -42.75
N THR A 227 -6.50 3.86 -43.74
CA THR A 227 -7.09 4.09 -45.05
C THR A 227 -8.19 3.07 -45.27
N LYS A 228 -9.13 3.38 -46.17
CA LYS A 228 -10.26 2.49 -46.41
C LYS A 228 -9.78 1.11 -46.84
N GLU A 229 -8.73 1.04 -47.66
CA GLU A 229 -8.26 -0.26 -48.13
C GLU A 229 -7.54 -1.02 -47.02
N ASN A 230 -6.78 -0.30 -46.19
CA ASN A 230 -6.05 -0.95 -45.11
C ASN A 230 -7.02 -1.54 -44.08
N MET A 231 -8.10 -0.81 -43.78
CA MET A 231 -9.07 -1.29 -42.80
C MET A 231 -9.84 -2.49 -43.34
N ILE A 232 -10.20 -2.46 -44.62
CA ILE A 232 -10.85 -3.62 -45.23
C ILE A 232 -9.92 -4.83 -45.16
N LYS A 233 -8.64 -4.61 -45.44
CA LYS A 233 -7.66 -5.69 -45.44
C LYS A 233 -7.54 -6.32 -44.06
N ILE A 234 -7.34 -5.50 -43.03
CA ILE A 234 -7.15 -6.02 -41.68
C ILE A 234 -8.44 -6.66 -41.17
N LEU A 235 -9.60 -6.19 -41.60
CA LEU A 235 -10.85 -6.83 -41.19
C LEU A 235 -11.01 -8.20 -41.84
N GLN A 236 -10.55 -8.34 -43.09
CA GLN A 236 -10.61 -9.63 -43.76
C GLN A 236 -9.54 -10.57 -43.22
N ILE A 237 -8.38 -10.04 -42.84
CA ILE A 237 -7.32 -10.84 -42.22
C ILE A 237 -7.87 -11.57 -41.01
N PHE A 238 -8.63 -10.87 -40.15
CA PHE A 238 -9.24 -11.48 -38.98
C PHE A 238 -10.56 -12.18 -39.29
N GLY A 239 -10.89 -12.38 -40.56
CA GLY A 239 -12.00 -13.25 -40.92
C GLY A 239 -13.38 -12.72 -40.64
N PHE A 240 -13.57 -11.41 -40.69
CA PHE A 240 -14.87 -10.79 -40.47
C PHE A 240 -15.53 -10.43 -41.81
N ASP A 241 -16.85 -10.32 -41.78
CA ASP A 241 -17.65 -9.94 -42.94
C ASP A 241 -17.62 -8.42 -43.08
N VAL A 242 -16.88 -7.91 -44.07
CA VAL A 242 -16.72 -6.46 -44.21
C VAL A 242 -18.02 -5.75 -44.57
N SER A 243 -19.06 -6.49 -44.95
CA SER A 243 -20.37 -5.91 -45.19
C SER A 243 -21.22 -5.81 -43.93
N ARG A 244 -20.79 -6.38 -42.81
CA ARG A 244 -21.59 -6.32 -41.60
C ARG A 244 -20.68 -6.26 -40.37
N ILE A 245 -19.86 -5.22 -40.27
CA ILE A 245 -18.88 -5.11 -39.19
C ILE A 245 -19.54 -4.54 -37.95
N GLU A 246 -19.50 -5.27 -36.85
CA GLU A 246 -19.98 -4.79 -35.55
C GLU A 246 -18.83 -4.18 -34.76
N HIS A 247 -19.20 -3.33 -33.78
CA HIS A 247 -18.19 -2.70 -32.93
C HIS A 247 -17.37 -3.75 -32.19
N LYS A 248 -18.04 -4.81 -31.71
CA LYS A 248 -17.40 -5.99 -31.17
C LYS A 248 -16.17 -6.40 -31.97
N HIS A 249 -16.33 -6.51 -33.30
CA HIS A 249 -15.23 -6.93 -34.15
C HIS A 249 -14.09 -5.91 -34.16
N ILE A 250 -14.43 -4.63 -34.21
CA ILE A 250 -13.41 -3.58 -34.17
C ILE A 250 -12.64 -3.64 -32.85
N ARG A 251 -13.35 -3.91 -31.75
CA ARG A 251 -12.70 -4.02 -30.46
C ARG A 251 -11.80 -5.24 -30.39
N TYR A 252 -12.19 -6.33 -31.05
CA TYR A 252 -11.34 -7.52 -31.08
C TYR A 252 -9.97 -7.19 -31.66
N ILE A 253 -9.94 -6.50 -32.81
CA ILE A 253 -8.68 -6.19 -33.47
C ILE A 253 -7.84 -5.25 -32.61
N THR A 254 -8.48 -4.26 -32.00
CA THR A 254 -7.76 -3.22 -31.26
C THR A 254 -7.24 -3.68 -29.90
N GLY A 255 -7.36 -4.96 -29.59
CA GLY A 255 -6.72 -5.50 -28.41
C GLY A 255 -7.60 -6.44 -27.64
N GLY A 256 -8.87 -6.53 -28.05
CA GLY A 256 -9.77 -7.47 -27.40
C GLY A 256 -9.37 -8.91 -27.58
N TRP A 257 -8.72 -9.23 -28.72
CA TRP A 257 -8.20 -10.58 -28.93
C TRP A 257 -7.31 -11.02 -27.78
N PHE A 258 -6.53 -10.08 -27.24
CA PHE A 258 -5.64 -10.42 -26.15
C PHE A 258 -6.37 -10.60 -24.83
N GLU A 259 -7.45 -9.84 -24.59
CA GLU A 259 -8.29 -10.09 -23.43
C GLU A 259 -8.91 -11.49 -23.49
N GLU A 260 -9.47 -11.85 -24.65
CA GLU A 260 -10.03 -13.18 -24.83
C GLU A 260 -8.96 -14.25 -24.68
N TYR A 261 -7.77 -14.03 -25.24
CA TYR A 261 -6.71 -15.02 -25.11
C TYR A 261 -6.40 -15.29 -23.63
N VAL A 262 -6.31 -14.24 -22.82
CA VAL A 262 -5.98 -14.42 -21.40
C VAL A 262 -7.12 -15.11 -20.67
N TYR A 263 -8.34 -14.62 -20.87
CA TYR A 263 -9.52 -15.26 -20.27
C TYR A 263 -9.57 -16.74 -20.61
N GLN A 264 -9.47 -17.07 -21.90
CA GLN A 264 -9.59 -18.46 -22.32
C GLN A 264 -8.44 -19.31 -21.80
N LYS A 265 -7.21 -18.78 -21.85
CA LYS A 265 -6.06 -19.52 -21.31
C LYS A 265 -6.26 -19.87 -19.83
N ILE A 266 -6.70 -18.90 -19.02
CA ILE A 266 -6.96 -19.18 -17.61
C ILE A 266 -7.93 -20.34 -17.48
N CYS A 267 -9.09 -20.22 -18.14
CA CYS A 267 -10.13 -21.24 -18.04
C CYS A 267 -9.67 -22.61 -18.54
N ASN A 268 -8.81 -22.64 -19.55
CA ASN A 268 -8.36 -23.88 -20.18
C ASN A 268 -7.07 -24.45 -19.57
N GLU A 269 -6.23 -23.62 -18.94
CA GLU A 269 -4.90 -24.08 -18.52
C GLU A 269 -4.56 -23.81 -17.06
N TYR A 270 -5.18 -22.84 -16.39
CA TYR A 270 -4.79 -22.50 -15.03
C TYR A 270 -5.47 -23.46 -14.06
N HIS A 271 -4.67 -24.16 -13.24
CA HIS A 271 -5.20 -25.28 -12.48
C HIS A 271 -5.82 -24.87 -11.15
N ASN A 272 -5.24 -23.91 -10.45
CA ASN A 272 -5.76 -23.49 -9.16
C ASN A 272 -6.97 -22.58 -9.28
N VAL A 273 -7.68 -22.59 -10.42
CA VAL A 273 -8.86 -21.74 -10.60
C VAL A 273 -9.91 -22.50 -11.38
N ASP A 274 -11.14 -22.41 -10.91
CA ASP A 274 -12.31 -22.93 -11.60
C ASP A 274 -12.82 -21.88 -12.57
N GLU A 275 -13.23 -22.33 -13.76
CA GLU A 275 -13.61 -21.39 -14.81
C GLU A 275 -14.91 -20.65 -14.47
N LYS A 276 -15.76 -21.24 -13.63
CA LYS A 276 -16.96 -20.54 -13.18
C LYS A 276 -16.62 -19.26 -12.42
N ASN A 277 -15.40 -19.15 -11.89
CA ASN A 277 -14.97 -17.98 -11.16
C ASN A 277 -14.06 -17.06 -11.97
N VAL A 278 -14.05 -17.20 -13.29
CA VAL A 278 -13.32 -16.31 -14.17
C VAL A 278 -14.33 -15.42 -14.87
N ALA A 279 -13.99 -14.15 -15.04
CA ALA A 279 -14.89 -13.20 -15.67
C ALA A 279 -14.09 -12.23 -16.52
N LEU A 280 -14.66 -11.87 -17.66
CA LEU A 280 -14.02 -11.06 -18.69
C LEU A 280 -14.85 -9.82 -18.94
N ASN A 281 -14.18 -8.71 -19.25
CA ASN A 281 -14.87 -7.44 -19.55
C ASN A 281 -15.84 -7.07 -18.42
N VAL A 282 -15.28 -6.91 -17.22
CA VAL A 282 -16.07 -6.72 -16.00
C VAL A 282 -16.16 -5.23 -15.69
N THR A 283 -17.37 -4.76 -15.34
CA THR A 283 -17.46 -3.45 -14.72
C THR A 283 -17.93 -3.64 -13.28
N ILE A 284 -17.16 -3.14 -12.33
CA ILE A 284 -17.49 -3.24 -10.92
C ILE A 284 -18.14 -1.94 -10.51
N GLN A 285 -19.05 -2.00 -9.54
CA GLN A 285 -19.72 -0.80 -9.07
C GLN A 285 -19.91 -0.87 -7.57
N LYS A 286 -19.48 0.20 -6.88
CA LYS A 286 -19.75 0.39 -5.45
C LYS A 286 -20.22 1.84 -5.29
N GLY A 287 -21.47 2.01 -4.88
CA GLY A 287 -22.06 3.33 -4.75
C GLY A 287 -22.05 4.13 -6.05
N ASN A 288 -21.26 5.20 -6.07
CA ASN A 288 -21.13 6.06 -7.25
C ASN A 288 -19.80 5.86 -7.96
N ASP A 289 -19.05 4.82 -7.59
CA ASP A 289 -17.81 4.48 -8.25
C ASP A 289 -18.06 3.32 -9.20
N LYS A 290 -17.58 3.45 -10.43
CA LYS A 290 -17.61 2.39 -11.42
C LYS A 290 -16.25 2.26 -12.06
N ASN A 291 -15.87 1.03 -12.38
CA ASN A 291 -14.61 0.79 -13.07
C ASN A 291 -14.71 -0.48 -13.89
N GLU A 292 -13.90 -0.56 -14.91
CA GLU A 292 -13.86 -1.71 -15.78
C GLU A 292 -12.57 -2.48 -15.57
N LEU A 293 -12.66 -3.81 -15.58
CA LEU A 293 -11.50 -4.66 -15.39
C LEU A 293 -11.45 -5.70 -16.50
N ASP A 294 -10.25 -5.92 -17.05
CA ASP A 294 -10.12 -6.79 -18.22
C ASP A 294 -10.49 -8.22 -17.88
N VAL A 295 -9.74 -8.83 -16.95
CA VAL A 295 -9.95 -10.20 -16.51
C VAL A 295 -9.77 -10.24 -15.00
N ILE A 296 -10.69 -10.91 -14.31
CA ILE A 296 -10.60 -11.12 -12.87
C ILE A 296 -11.00 -12.56 -12.59
N TYR A 297 -10.35 -13.16 -11.60
CA TYR A 297 -10.74 -14.50 -11.21
C TYR A 297 -10.41 -14.75 -9.76
N LEU A 298 -11.24 -15.53 -9.12
CA LEU A 298 -11.02 -15.96 -7.75
C LEU A 298 -10.48 -17.38 -7.81
N ASP A 299 -9.24 -17.57 -7.37
CA ASP A 299 -8.63 -18.89 -7.46
C ASP A 299 -9.22 -19.82 -6.39
N LYS A 300 -8.69 -21.04 -6.32
CA LYS A 300 -9.27 -22.06 -5.48
C LYS A 300 -8.97 -21.84 -4.00
N ASP A 301 -8.05 -20.94 -3.67
CA ASP A 301 -7.77 -20.54 -2.30
C ASP A 301 -8.47 -19.23 -1.92
N ASN A 302 -9.53 -18.86 -2.65
CA ASN A 302 -10.32 -17.66 -2.38
C ASN A 302 -9.48 -16.38 -2.43
N LYS A 303 -8.44 -16.36 -3.27
CA LYS A 303 -7.68 -15.14 -3.53
C LYS A 303 -8.10 -14.56 -4.87
N LEU A 304 -8.33 -13.25 -4.91
CA LEU A 304 -8.85 -12.59 -6.09
C LEU A 304 -7.71 -11.99 -6.91
N HIS A 305 -7.68 -12.31 -8.21
CA HIS A 305 -6.65 -11.87 -9.14
C HIS A 305 -7.25 -10.94 -10.18
N VAL A 306 -6.58 -9.82 -10.43
CA VAL A 306 -7.01 -8.83 -11.42
C VAL A 306 -5.88 -8.67 -12.43
N ILE A 307 -6.19 -8.83 -13.71
CA ILE A 307 -5.19 -8.73 -14.76
C ILE A 307 -5.46 -7.49 -15.60
N GLU A 308 -4.44 -6.65 -15.76
CA GLU A 308 -4.42 -5.62 -16.77
C GLU A 308 -3.82 -6.21 -18.04
N CYS A 309 -4.63 -6.28 -19.11
CA CYS A 309 -4.21 -6.86 -20.38
C CYS A 309 -3.82 -5.73 -21.32
N LYS A 310 -2.51 -5.57 -21.55
CA LYS A 310 -1.98 -4.62 -22.53
C LYS A 310 -1.23 -5.43 -23.59
N SER A 311 -1.88 -5.64 -24.73
CA SER A 311 -1.30 -6.46 -25.79
C SER A 311 0.13 -6.06 -26.13
N PHE A 312 0.39 -4.76 -26.21
CA PHE A 312 1.74 -4.29 -26.54
C PHE A 312 2.10 -3.10 -25.68
N VAL A 313 3.31 -3.15 -25.11
CA VAL A 313 3.92 -2.04 -24.40
C VAL A 313 5.13 -1.63 -25.21
N ASP A 314 4.99 -0.61 -26.03
CA ASP A 314 6.08 -0.23 -26.92
C ASP A 314 7.03 0.72 -26.20
N GLY A 315 8.07 1.16 -26.91
CA GLY A 315 9.12 1.93 -26.27
C GLY A 315 8.63 3.28 -25.77
N ASN A 316 9.28 3.77 -24.72
CA ASN A 316 9.04 5.09 -24.14
C ASN A 316 7.64 5.24 -23.55
N GLU A 317 6.96 4.14 -23.24
CA GLU A 317 5.65 4.21 -22.62
C GLU A 317 5.57 3.40 -21.34
N GLY A 318 6.69 2.85 -20.88
CA GLY A 318 6.66 2.03 -19.67
C GLY A 318 6.20 2.81 -18.45
N ASN A 319 6.62 4.08 -18.35
CA ASN A 319 6.24 4.90 -17.21
C ASN A 319 4.75 5.14 -17.14
N ARG A 320 4.12 5.43 -18.28
CA ARG A 320 2.68 5.70 -18.29
C ARG A 320 1.87 4.48 -17.87
N VAL A 321 2.13 3.33 -18.51
CA VAL A 321 1.34 2.14 -18.25
C VAL A 321 1.59 1.59 -16.85
N LEU A 322 2.74 1.90 -16.25
CA LEU A 322 2.96 1.51 -14.86
C LEU A 322 2.08 2.33 -13.93
N ASN A 323 1.98 3.64 -14.16
CA ASN A 323 1.12 4.46 -13.32
C ASN A 323 -0.34 4.08 -13.47
N ASP A 324 -0.79 3.96 -14.72
CA ASP A 324 -2.15 3.50 -14.99
C ASP A 324 -2.45 2.22 -14.20
N ALA A 325 -1.54 1.24 -14.26
CA ALA A 325 -1.74 -0.01 -13.53
C ALA A 325 -1.75 0.25 -12.03
N LEU A 326 -0.76 0.95 -11.51
CA LEU A 326 -0.72 1.29 -10.09
C LEU A 326 -1.93 2.13 -9.69
N TYR A 327 -2.39 3.00 -10.59
CA TYR A 327 -3.57 3.79 -10.28
C TYR A 327 -4.80 2.91 -10.16
N LYS A 328 -4.95 1.92 -11.06
CA LYS A 328 -6.07 1.00 -10.97
C LYS A 328 -5.98 0.15 -9.71
N LEU A 329 -4.81 -0.43 -9.46
CA LEU A 329 -4.63 -1.30 -8.31
C LEU A 329 -4.90 -0.55 -7.00
N GLN A 330 -4.10 0.46 -6.72
CA GLN A 330 -4.05 1.05 -5.38
C GLN A 330 -5.12 2.12 -5.18
N ALA A 331 -5.13 3.11 -6.06
CA ALA A 331 -6.05 4.24 -5.87
C ALA A 331 -7.50 3.81 -6.08
N ILE A 332 -7.77 2.95 -7.06
CA ILE A 332 -9.14 2.60 -7.41
C ILE A 332 -9.58 1.31 -6.73
N ILE A 333 -8.92 0.20 -7.06
CA ILE A 333 -9.43 -1.10 -6.63
C ILE A 333 -9.33 -1.24 -5.10
N LYS A 334 -8.20 -0.88 -4.53
CA LYS A 334 -8.05 -1.02 -3.09
C LYS A 334 -8.67 0.14 -2.33
N SER A 335 -8.39 1.37 -2.73
CA SER A 335 -8.79 2.52 -1.91
C SER A 335 -10.26 2.88 -2.10
N LYS A 336 -10.80 2.75 -3.32
CA LYS A 336 -12.19 3.12 -3.52
C LYS A 336 -13.13 1.94 -3.38
N PHE A 337 -12.67 0.72 -3.64
CA PHE A 337 -13.53 -0.45 -3.60
C PHE A 337 -13.24 -1.37 -2.42
N GLY A 338 -12.10 -1.20 -1.74
CA GLY A 338 -11.79 -2.03 -0.59
C GLY A 338 -11.37 -3.44 -0.91
N LEU A 339 -10.87 -3.69 -2.12
CA LEU A 339 -10.50 -5.03 -2.56
C LEU A 339 -9.00 -5.24 -2.41
N TYR A 340 -8.61 -6.34 -1.77
CA TYR A 340 -7.20 -6.70 -1.60
C TYR A 340 -6.92 -7.82 -2.60
N VAL A 341 -6.41 -7.44 -3.77
CA VAL A 341 -6.29 -8.38 -4.88
C VAL A 341 -4.83 -8.69 -5.15
N LYS A 342 -4.62 -9.76 -5.92
CA LYS A 342 -3.32 -9.99 -6.55
C LYS A 342 -3.38 -9.39 -7.94
N GLN A 343 -2.49 -8.44 -8.23
CA GLN A 343 -2.55 -7.71 -9.49
C GLN A 343 -1.49 -8.24 -10.43
N HIS A 344 -1.86 -8.37 -11.70
CA HIS A 344 -1.00 -8.83 -12.77
C HIS A 344 -1.06 -7.88 -13.94
N LEU A 345 0.05 -7.75 -14.64
CA LEU A 345 0.08 -7.15 -15.96
C LEU A 345 0.51 -8.23 -16.95
N TYR A 346 -0.34 -8.47 -17.95
CA TYR A 346 -0.05 -9.41 -19.02
C TYR A 346 0.19 -8.64 -20.31
N THR A 347 1.26 -8.98 -21.01
CA THR A 347 1.55 -8.34 -22.28
C THR A 347 2.22 -9.33 -23.21
N LYS A 348 2.01 -9.13 -24.51
CA LYS A 348 2.73 -9.89 -25.52
C LYS A 348 4.11 -9.31 -25.77
N SER A 349 4.34 -8.02 -25.47
CA SER A 349 5.64 -7.41 -25.64
C SER A 349 6.67 -8.07 -24.73
N ILE A 350 7.95 -7.79 -25.00
CA ILE A 350 9.07 -8.29 -24.21
C ILE A 350 9.53 -7.18 -23.27
N ILE A 351 9.42 -7.41 -21.97
CA ILE A 351 9.84 -6.44 -20.96
C ILE A 351 11.34 -6.66 -20.70
N GLU A 352 12.17 -5.77 -21.25
CA GLU A 352 13.60 -5.80 -20.96
C GLU A 352 13.85 -5.35 -19.53
N LYS A 353 15.00 -5.74 -18.99
CA LYS A 353 15.37 -5.25 -17.68
C LYS A 353 16.04 -3.88 -17.83
N GLU A 354 16.07 -3.13 -16.72
CA GLU A 354 16.48 -1.72 -16.69
C GLU A 354 15.48 -0.82 -17.40
N THR A 355 14.21 -1.15 -17.33
CA THR A 355 13.13 -0.34 -17.87
C THR A 355 12.09 -0.11 -16.78
N PRO A 356 11.34 0.99 -16.86
CA PRO A 356 10.32 1.25 -15.82
C PRO A 356 9.43 0.07 -15.47
N LEU A 357 8.88 -0.62 -16.46
CA LEU A 357 7.91 -1.67 -16.18
C LEU A 357 8.51 -2.82 -15.39
N ASN A 358 9.83 -3.00 -15.42
CA ASN A 358 10.40 -4.09 -14.64
C ASN A 358 10.57 -3.72 -13.17
N ARG A 359 10.19 -2.50 -12.75
CA ARG A 359 10.00 -2.21 -11.34
C ARG A 359 8.73 -2.83 -10.79
N ALA A 360 7.80 -3.27 -11.65
CA ALA A 360 6.47 -3.64 -11.19
C ALA A 360 6.50 -4.72 -10.13
N LYS A 361 7.45 -5.66 -10.23
CA LYS A 361 7.59 -6.69 -9.22
C LYS A 361 7.69 -6.07 -7.83
N GLU A 362 8.44 -4.98 -7.70
CA GLU A 362 8.66 -4.39 -6.39
C GLU A 362 7.44 -3.62 -5.89
N PHE A 363 6.48 -3.34 -6.77
CA PHE A 363 5.19 -2.76 -6.39
C PHE A 363 4.14 -3.81 -6.07
N GLY A 364 4.47 -5.09 -6.19
CA GLY A 364 3.52 -6.16 -6.00
C GLY A 364 2.80 -6.63 -7.24
N ILE A 365 3.22 -6.17 -8.43
CA ILE A 365 2.53 -6.51 -9.67
C ILE A 365 3.37 -7.54 -10.41
N ASP A 366 2.82 -8.74 -10.59
CA ASP A 366 3.47 -9.77 -11.38
C ASP A 366 3.20 -9.54 -12.86
N ILE A 367 4.26 -9.47 -13.65
CA ILE A 367 4.15 -9.28 -15.09
C ILE A 367 4.41 -10.61 -15.78
N LYS A 368 3.49 -11.01 -16.65
CA LYS A 368 3.73 -12.12 -17.56
C LYS A 368 4.05 -11.54 -18.93
N ASP A 369 5.23 -11.89 -19.43
CA ASP A 369 5.86 -11.34 -20.63
C ASP A 369 5.51 -12.16 -21.87
N GLY A 370 5.95 -11.68 -23.03
CA GLY A 370 5.89 -12.49 -24.24
C GLY A 370 6.62 -13.81 -24.09
N THR A 371 7.72 -13.82 -23.33
CA THR A 371 8.42 -15.06 -23.02
C THR A 371 7.55 -16.01 -22.18
N GLN A 372 6.53 -15.49 -21.49
CA GLN A 372 5.62 -16.35 -20.75
C GLN A 372 4.36 -16.68 -21.53
N LEU A 373 3.97 -15.82 -22.46
CA LEU A 373 2.77 -16.04 -23.26
C LEU A 373 3.13 -16.29 -24.72
N LYS B 2 14.96 -5.30 38.76
CA LYS B 2 14.83 -6.59 39.42
C LYS B 2 13.54 -6.70 40.23
N GLU B 3 13.12 -5.62 40.88
CA GLU B 3 11.89 -5.64 41.66
C GLU B 3 10.67 -5.17 40.88
N THR B 4 10.85 -4.37 39.84
CA THR B 4 9.78 -3.96 38.94
C THR B 4 9.99 -4.63 37.60
N ILE B 5 8.97 -5.32 37.08
CA ILE B 5 9.05 -5.92 35.76
C ILE B 5 7.97 -5.30 34.89
N LEU B 6 8.29 -5.17 33.61
CA LEU B 6 7.42 -4.62 32.58
C LEU B 6 7.29 -5.67 31.50
N VAL B 7 6.07 -6.10 31.24
CA VAL B 7 5.77 -7.15 30.26
C VAL B 7 5.09 -6.48 29.07
N ASN B 8 5.71 -6.58 27.89
CA ASN B 8 5.17 -6.07 26.63
C ASN B 8 5.09 -7.20 25.62
N LEU B 9 4.03 -7.20 24.82
CA LEU B 9 3.89 -8.10 23.70
C LEU B 9 4.37 -7.39 22.44
N VAL B 10 5.21 -8.05 21.66
CA VAL B 10 5.84 -7.41 20.51
C VAL B 10 4.88 -7.43 19.32
N SER B 11 4.75 -6.28 18.65
CA SER B 11 4.04 -6.19 17.37
C SER B 11 4.99 -5.64 16.31
N GLU B 12 4.54 -5.75 15.05
CA GLU B 12 5.38 -5.31 13.93
C GLU B 12 5.69 -3.83 13.99
N GLN B 13 4.69 -3.01 14.31
CA GLN B 13 4.89 -1.58 14.51
C GLN B 13 5.31 -1.38 15.97
N THR B 14 6.57 -0.96 16.16
CA THR B 14 7.20 -0.95 17.46
C THR B 14 7.04 0.36 18.23
N ILE B 15 6.70 1.46 17.56
CA ILE B 15 6.62 2.76 18.25
C ILE B 15 5.69 2.72 19.47
N PRO B 16 4.50 2.10 19.41
CA PRO B 16 3.66 2.07 20.64
C PRO B 16 4.40 1.50 21.83
N ASN B 17 5.17 0.42 21.63
CA ASN B 17 5.92 -0.17 22.73
C ASN B 17 7.01 0.78 23.24
N VAL B 18 7.76 1.40 22.32
CA VAL B 18 8.76 2.39 22.74
C VAL B 18 8.11 3.47 23.59
N GLN B 19 6.99 4.02 23.12
CA GLN B 19 6.34 5.12 23.85
C GLN B 19 5.85 4.68 25.21
N PHE B 20 5.29 3.47 25.32
CA PHE B 20 4.83 3.00 26.61
C PHE B 20 5.99 2.78 27.56
N ILE B 21 7.08 2.18 27.07
CA ILE B 21 8.24 1.95 27.94
C ILE B 21 8.84 3.28 28.37
N LYS B 22 9.02 4.20 27.42
CA LYS B 22 9.51 5.54 27.75
C LYS B 22 8.58 6.24 28.75
N TRP B 23 7.27 6.12 28.56
CA TRP B 23 6.31 6.78 29.44
C TRP B 23 6.41 6.26 30.87
N TYR B 24 6.65 4.96 31.03
CA TYR B 24 6.69 4.41 32.38
C TYR B 24 8.03 4.69 33.06
N PHE B 25 9.15 4.49 32.36
CA PHE B 25 10.45 4.75 32.97
C PHE B 25 10.59 6.22 33.36
N ASN B 26 10.17 7.13 32.49
CA ASN B 26 10.27 8.55 32.82
C ASN B 26 9.34 8.92 33.96
N LYS B 27 8.28 8.15 34.19
CA LYS B 27 7.39 8.40 35.31
C LYS B 27 7.96 7.87 36.62
N LYS B 28 8.64 6.74 36.58
CA LYS B 28 9.12 6.08 37.80
C LYS B 28 10.62 6.25 38.00
N GLN B 29 11.42 6.13 36.95
CA GLN B 29 12.88 6.27 37.01
C GLN B 29 13.46 5.39 38.13
N THR B 30 13.37 4.09 37.89
CA THR B 30 13.80 3.07 38.84
C THR B 30 14.34 1.88 38.07
N PRO B 31 15.29 1.15 38.63
CA PRO B 31 15.77 -0.07 37.98
C PRO B 31 14.61 -1.03 37.74
N MET B 32 14.56 -1.58 36.53
CA MET B 32 13.47 -2.46 36.18
C MET B 32 13.96 -3.52 35.20
N LYS B 33 13.19 -4.60 35.12
CA LYS B 33 13.37 -5.61 34.08
C LYS B 33 12.24 -5.48 33.07
N ILE B 34 12.56 -5.59 31.79
CA ILE B 34 11.55 -5.55 30.74
C ILE B 34 11.52 -6.92 30.09
N LEU B 35 10.33 -7.52 30.03
CA LEU B 35 10.13 -8.82 29.43
C LEU B 35 9.34 -8.62 28.14
N LEU B 36 9.92 -9.04 27.02
CA LEU B 36 9.25 -8.96 25.73
C LEU B 36 8.74 -10.34 25.37
N VAL B 37 7.45 -10.41 25.07
CA VAL B 37 6.82 -11.65 24.64
C VAL B 37 6.66 -11.58 23.14
N SER B 38 7.36 -12.46 22.42
CA SER B 38 7.44 -12.35 20.97
C SER B 38 7.13 -13.68 20.31
N THR B 39 7.31 -13.74 18.99
CA THR B 39 7.07 -14.93 18.17
C THR B 39 8.25 -15.08 17.23
N LYS B 40 8.34 -16.24 16.57
CA LYS B 40 9.41 -16.46 15.61
C LYS B 40 9.34 -15.44 14.48
N GLU B 41 8.13 -15.05 14.08
CA GLU B 41 7.97 -14.12 12.97
C GLU B 41 8.45 -12.71 13.36
N MET B 42 8.03 -12.23 14.53
CA MET B 42 8.52 -10.95 15.01
C MET B 42 10.03 -10.96 15.24
N GLU B 43 10.55 -12.03 15.84
CA GLU B 43 11.97 -12.04 16.14
C GLU B 43 12.82 -12.22 14.88
N GLN B 44 12.26 -12.83 13.84
CA GLN B 44 12.93 -12.86 12.55
C GLN B 44 13.14 -11.45 12.01
N LYS B 45 12.38 -10.47 12.49
CA LYS B 45 12.54 -9.08 12.13
C LYS B 45 13.34 -8.30 13.15
N GLU B 46 13.91 -8.97 14.15
CA GLU B 46 14.65 -8.32 15.23
C GLU B 46 13.82 -7.19 15.86
N LYS B 47 12.52 -7.44 16.01
CA LYS B 47 11.64 -6.43 16.59
C LYS B 47 12.01 -6.15 18.03
N SER B 48 12.42 -7.17 18.78
CA SER B 48 12.87 -6.98 20.15
C SER B 48 14.15 -6.14 20.19
N LEU B 49 15.03 -6.33 19.21
CA LEU B 49 16.24 -5.54 19.15
C LEU B 49 15.92 -4.08 18.89
N PHE B 50 14.98 -3.80 17.97
CA PHE B 50 14.67 -2.42 17.62
C PHE B 50 14.04 -1.69 18.79
N ILE B 51 13.23 -2.39 19.59
CA ILE B 51 12.66 -1.80 20.80
C ILE B 51 13.78 -1.45 21.79
N LYS B 52 14.68 -2.41 22.03
CA LYS B 52 15.79 -2.15 22.96
C LYS B 52 16.64 -0.96 22.49
N ASN B 53 16.99 -0.95 21.20
CA ASN B 53 17.94 0.05 20.69
C ASN B 53 17.35 1.45 20.68
N ALA B 54 16.05 1.58 20.47
CA ALA B 54 15.41 2.89 20.50
C ALA B 54 15.37 3.49 21.90
N LEU B 55 15.47 2.68 22.96
CA LEU B 55 15.39 3.18 24.33
C LEU B 55 16.73 3.60 24.92
N HIS B 56 17.83 2.93 24.56
CA HIS B 56 19.18 3.37 24.95
C HIS B 56 19.39 3.35 26.45
N PHE B 57 18.80 2.35 27.12
CA PHE B 57 19.05 2.13 28.54
C PHE B 57 20.41 1.47 28.73
N SER B 58 21.02 1.71 29.89
CA SER B 58 22.16 0.91 30.30
C SER B 58 21.71 -0.45 30.83
N ASP B 59 22.41 -1.50 30.41
CA ASP B 59 22.15 -2.86 30.92
C ASP B 59 22.31 -2.97 32.43
N SER B 60 22.93 -2.00 33.10
CA SER B 60 23.05 -2.04 34.55
C SER B 60 21.77 -1.64 35.25
N PHE B 61 20.90 -0.89 34.58
CA PHE B 61 19.69 -0.34 35.17
C PHE B 61 18.42 -0.96 34.60
N VAL B 62 18.45 -1.39 33.35
CA VAL B 62 17.28 -1.98 32.69
C VAL B 62 17.73 -3.28 32.05
N GLU B 63 17.24 -4.39 32.58
CA GLU B 63 17.52 -5.73 32.09
C GLU B 63 16.43 -6.14 31.11
N TRP B 64 16.83 -6.65 29.94
CA TRP B 64 15.94 -7.05 28.86
C TRP B 64 15.97 -8.56 28.67
N GLU B 65 14.82 -9.12 28.33
CA GLU B 65 14.73 -10.54 28.01
C GLU B 65 13.54 -10.78 27.10
N THR B 66 13.75 -11.58 26.06
CA THR B 66 12.71 -11.97 25.13
C THR B 66 12.37 -13.43 25.32
N ILE B 67 11.07 -13.74 25.52
CA ILE B 67 10.58 -15.11 25.53
C ILE B 67 9.69 -15.31 24.32
N HIS B 68 9.63 -16.56 23.84
CA HIS B 68 9.05 -16.87 22.55
C HIS B 68 7.80 -17.72 22.71
N THR B 69 6.76 -17.40 21.96
CA THR B 69 5.54 -18.17 22.01
C THR B 69 4.97 -18.35 20.62
N ASP B 70 3.88 -19.13 20.59
CA ASP B 70 3.10 -19.38 19.39
C ASP B 70 1.97 -18.36 19.36
N GLY B 71 1.96 -17.52 18.33
CA GLY B 71 1.01 -16.42 18.26
C GLY B 71 -0.45 -16.85 18.26
N ASN B 72 -0.75 -18.08 17.85
CA ASN B 72 -2.12 -18.56 17.74
C ASN B 72 -2.41 -19.73 18.67
N ASP B 73 -1.63 -19.86 19.74
CA ASP B 73 -1.77 -20.97 20.66
C ASP B 73 -1.98 -20.38 22.05
N ILE B 74 -3.22 -20.38 22.52
CA ILE B 74 -3.53 -19.69 23.76
C ILE B 74 -2.86 -20.38 24.95
N SER B 75 -2.65 -21.70 24.88
CA SER B 75 -2.07 -22.44 25.99
C SER B 75 -0.56 -22.31 26.07
N LYS B 76 0.14 -22.21 24.94
CA LYS B 76 1.59 -22.04 25.01
C LYS B 76 1.95 -20.72 25.68
N THR B 77 1.23 -19.64 25.37
CA THR B 77 1.47 -18.37 26.04
C THR B 77 1.16 -18.45 27.52
N GLU B 78 0.02 -19.04 27.88
CA GLU B 78 -0.28 -19.27 29.29
C GLU B 78 0.83 -20.09 29.96
N ASN B 79 1.36 -21.08 29.24
CA ASN B 79 2.40 -21.94 29.80
C ASN B 79 3.70 -21.17 30.04
N ILE B 80 4.18 -20.42 29.03
CA ILE B 80 5.45 -19.72 29.20
C ILE B 80 5.33 -18.62 30.24
N LEU B 81 4.16 -17.99 30.39
CA LEU B 81 4.00 -17.00 31.44
C LEU B 81 3.97 -17.64 32.81
N THR B 82 3.32 -18.80 32.93
CA THR B 82 3.33 -19.52 34.20
C THR B 82 4.73 -19.94 34.59
N ASP B 83 5.48 -20.48 33.63
CA ASP B 83 6.86 -20.88 33.92
C ASP B 83 7.70 -19.68 34.33
N TYR B 84 7.61 -18.57 33.59
CA TYR B 84 8.49 -17.44 33.85
C TYR B 84 8.22 -16.85 35.23
N PHE B 85 6.96 -16.73 35.61
CA PHE B 85 6.59 -16.06 36.84
C PHE B 85 6.44 -17.00 38.02
N ARG B 86 6.83 -18.27 37.87
CA ARG B 86 6.71 -19.23 38.96
C ARG B 86 7.66 -18.89 40.09
N ASP B 87 7.12 -18.73 41.29
CA ASP B 87 7.90 -18.29 42.45
C ASP B 87 8.60 -16.95 42.18
N ASN B 88 7.96 -16.05 41.46
CA ASN B 88 8.55 -14.73 41.22
C ASN B 88 8.50 -13.89 42.50
N GLU B 89 9.35 -12.86 42.54
CA GLU B 89 9.46 -12.00 43.71
C GLU B 89 9.26 -10.52 43.37
N TYR B 90 8.61 -10.23 42.26
CA TYR B 90 8.46 -8.85 41.83
C TYR B 90 7.53 -8.09 42.77
N LYS B 91 7.86 -6.82 43.03
CA LYS B 91 6.94 -5.98 43.78
C LYS B 91 5.89 -5.34 42.88
N ASN B 92 6.23 -5.03 41.63
CA ASN B 92 5.29 -4.48 40.68
C ASN B 92 5.40 -5.25 39.38
N ILE B 93 4.26 -5.65 38.83
CA ILE B 93 4.20 -6.21 37.48
C ILE B 93 3.36 -5.26 36.64
N ILE B 94 3.95 -4.78 35.55
CA ILE B 94 3.29 -3.86 34.62
C ILE B 94 3.17 -4.57 33.28
N VAL B 95 1.95 -4.71 32.79
CA VAL B 95 1.66 -5.50 31.61
C VAL B 95 1.04 -4.59 30.57
N ASN B 96 1.55 -4.65 29.35
CA ASN B 96 1.03 -3.88 28.23
C ASN B 96 0.63 -4.88 27.15
N ILE B 97 -0.66 -5.02 26.88
CA ILE B 97 -1.16 -6.06 25.99
C ILE B 97 -1.55 -5.49 24.62
N THR B 98 -1.10 -4.27 24.33
CA THR B 98 -1.36 -3.66 23.04
C THR B 98 -0.82 -4.52 21.90
N GLY B 99 0.45 -4.93 22.00
CA GLY B 99 1.12 -5.65 20.93
C GLY B 99 0.76 -7.11 20.89
N GLY B 100 1.53 -7.86 20.10
CA GLY B 100 1.26 -9.26 19.88
C GLY B 100 -0.04 -9.53 19.15
N THR B 101 -0.28 -10.80 18.85
CA THR B 101 -1.52 -11.19 18.21
C THR B 101 -2.69 -11.14 19.19
N LYS B 102 -3.87 -11.32 18.62
CA LYS B 102 -5.09 -11.31 19.42
C LYS B 102 -5.03 -12.40 20.48
N ILE B 103 -4.57 -13.59 20.11
CA ILE B 103 -4.54 -14.72 21.03
C ILE B 103 -3.52 -14.50 22.14
N MET B 104 -2.37 -13.90 21.82
CA MET B 104 -1.40 -13.58 22.86
C MET B 104 -1.97 -12.59 23.87
N SER B 105 -2.69 -11.57 23.39
CA SER B 105 -3.25 -10.60 24.32
C SER B 105 -4.36 -11.25 25.14
N LEU B 106 -5.16 -12.09 24.50
CA LEU B 106 -6.15 -12.89 25.22
C LEU B 106 -5.49 -13.68 26.34
N ALA B 107 -4.41 -14.39 26.02
CA ALA B 107 -3.77 -15.23 27.03
C ALA B 107 -3.07 -14.39 28.10
N ALA B 108 -2.39 -13.31 27.71
CA ALA B 108 -1.72 -12.48 28.71
C ALA B 108 -2.71 -11.84 29.65
N PHE B 109 -3.83 -11.33 29.11
CA PHE B 109 -4.80 -10.66 29.95
C PHE B 109 -5.38 -11.63 30.99
N ASP B 110 -5.79 -12.81 30.56
CA ASP B 110 -6.39 -13.73 31.52
C ASP B 110 -5.37 -14.23 32.55
N PHE B 111 -4.10 -14.35 32.16
CA PHE B 111 -3.10 -14.78 33.14
C PHE B 111 -2.86 -13.73 34.22
N PHE B 112 -2.73 -12.44 33.84
CA PHE B 112 -2.42 -11.37 34.79
C PHE B 112 -3.64 -10.73 35.45
N ASN B 113 -4.84 -10.92 34.90
CA ASN B 113 -6.03 -10.35 35.51
C ASN B 113 -6.20 -10.84 36.95
N ASN B 114 -6.61 -9.93 37.84
CA ASN B 114 -6.85 -10.22 39.26
C ASN B 114 -5.62 -10.71 40.00
N LYS B 115 -4.47 -10.72 39.33
CA LYS B 115 -3.21 -11.01 40.00
C LYS B 115 -2.89 -9.86 40.96
N PRO B 116 -2.21 -10.15 42.07
CA PRO B 116 -1.80 -9.07 42.97
C PRO B 116 -0.58 -8.33 42.45
N ASN B 117 -0.47 -7.06 42.85
CA ASN B 117 0.64 -6.17 42.46
C ASN B 117 0.81 -6.12 40.93
N THR B 118 -0.30 -6.08 40.21
CA THR B 118 -0.29 -6.20 38.76
C THR B 118 -1.13 -5.08 38.16
N GLU B 119 -0.57 -4.37 37.19
CA GLU B 119 -1.30 -3.38 36.41
C GLU B 119 -1.24 -3.77 34.94
N ILE B 120 -2.39 -3.67 34.26
CA ILE B 120 -2.54 -4.08 32.88
C ILE B 120 -2.97 -2.85 32.08
N PHE B 121 -2.38 -2.69 30.90
CA PHE B 121 -2.60 -1.50 30.09
C PHE B 121 -2.85 -1.87 28.64
N TYR B 122 -3.53 -0.97 27.94
CA TYR B 122 -3.78 -1.13 26.52
C TYR B 122 -3.85 0.23 25.89
N GLN B 123 -3.35 0.32 24.66
CA GLN B 123 -3.32 1.58 23.91
C GLN B 123 -3.92 1.35 22.55
N PRO B 124 -5.15 1.79 22.28
CA PRO B 124 -5.63 1.82 20.91
C PRO B 124 -4.94 2.93 20.15
N ILE B 125 -4.89 2.78 18.83
CA ILE B 125 -4.19 3.76 17.98
C ILE B 125 -4.87 5.11 18.08
N GLY B 126 -4.07 6.16 18.23
CA GLY B 126 -4.58 7.52 18.25
C GLY B 126 -5.42 7.86 19.46
N LYS B 127 -5.65 6.93 20.36
CA LYS B 127 -6.47 7.17 21.53
C LYS B 127 -5.63 7.11 22.79
N GLU B 128 -6.24 7.56 23.88
CA GLU B 128 -5.54 7.64 25.15
C GLU B 128 -5.14 6.24 25.63
N LEU B 129 -4.10 6.20 26.45
CA LEU B 129 -3.69 4.93 27.05
C LEU B 129 -4.72 4.51 28.09
N GLN B 130 -5.05 3.22 28.10
CA GLN B 130 -6.07 2.70 29.00
C GLN B 130 -5.43 1.78 30.03
N GLU B 131 -5.74 2.01 31.29
CA GLU B 131 -5.53 1.02 32.34
C GLU B 131 -6.77 0.13 32.39
N LEU B 132 -6.59 -1.17 32.24
CA LEU B 132 -7.71 -2.10 32.36
C LEU B 132 -7.85 -2.70 33.73
N TYR B 133 -6.76 -2.79 34.49
CA TYR B 133 -6.77 -3.46 35.77
C TYR B 133 -5.61 -2.91 36.59
N PRO B 134 -5.78 -2.65 37.90
CA PRO B 134 -6.99 -2.82 38.71
C PRO B 134 -7.99 -1.65 38.65
N ASN B 135 -7.59 -0.49 38.13
CA ASN B 135 -8.47 0.69 38.04
C ASN B 135 -8.64 1.07 36.58
N LYS B 136 -9.89 1.12 36.13
CA LYS B 136 -10.16 1.57 34.77
C LYS B 136 -10.02 3.09 34.71
N GLN B 137 -9.11 3.56 33.86
CA GLN B 137 -8.94 4.98 33.64
C GLN B 137 -8.11 5.17 32.37
N LYS B 138 -8.08 6.40 31.89
CA LYS B 138 -7.29 6.75 30.73
C LYS B 138 -6.26 7.79 31.13
N TYR B 139 -5.27 7.97 30.25
CA TYR B 139 -4.21 8.95 30.47
C TYR B 139 -3.93 9.67 29.18
N ASP B 140 -3.73 11.00 29.28
CA ASP B 140 -3.03 11.74 28.25
C ASP B 140 -1.61 11.19 28.18
N MET B 141 -1.32 10.34 27.21
CA MET B 141 -0.01 9.71 27.11
C MET B 141 0.57 10.01 25.74
N PHE B 142 1.66 10.77 25.71
CA PHE B 142 2.37 11.05 24.48
C PHE B 142 3.82 11.38 24.83
N GLU B 143 4.72 10.47 24.53
CA GLU B 143 6.16 10.68 24.67
C GLU B 143 6.71 11.11 23.32
N VAL B 144 7.18 12.37 23.21
CA VAL B 144 7.78 12.84 21.98
C VAL B 144 9.06 12.07 21.70
N LEU B 145 9.24 11.65 20.46
CA LEU B 145 10.44 10.91 20.08
C LEU B 145 11.37 11.81 19.27
N SER B 146 12.65 11.56 19.42
CA SER B 146 13.60 12.14 18.49
C SER B 146 13.54 11.37 17.17
N LEU B 147 14.03 12.02 16.13
CA LEU B 147 14.17 11.34 14.84
C LEU B 147 15.05 10.11 14.97
N LYS B 148 16.11 10.17 15.78
CA LYS B 148 16.98 9.01 15.92
C LYS B 148 16.26 7.86 16.62
N GLU B 149 15.51 8.15 17.68
CA GLU B 149 14.78 7.10 18.37
C GLU B 149 13.77 6.44 17.43
N TYR B 150 13.07 7.26 16.65
CA TYR B 150 12.09 6.73 15.69
C TYR B 150 12.74 5.78 14.70
N LEU B 151 13.89 6.17 14.13
CA LEU B 151 14.55 5.35 13.12
C LEU B 151 15.26 4.16 13.73
N ASP B 152 15.87 4.32 14.91
CA ASP B 152 16.37 3.17 15.64
C ASP B 152 15.26 2.14 15.85
N ALA B 153 14.04 2.62 16.12
CA ALA B 153 12.90 1.74 16.34
C ALA B 153 12.49 0.97 15.09
N HIS B 154 13.03 1.32 13.92
CA HIS B 154 12.85 0.52 12.72
C HIS B 154 14.14 -0.19 12.29
N GLY B 155 15.16 -0.20 13.13
CA GLY B 155 16.44 -0.78 12.76
C GLY B 155 17.17 -0.04 11.68
N ILE B 156 16.97 1.28 11.57
CA ILE B 156 17.53 2.08 10.48
C ILE B 156 18.55 3.06 11.05
N SER B 157 19.79 2.97 10.56
CA SER B 157 20.81 3.97 10.86
C SER B 157 20.83 5.01 9.73
N TYR B 158 21.32 6.20 10.04
CA TYR B 158 21.23 7.26 9.04
C TYR B 158 22.35 8.28 9.24
N LYS B 159 22.77 8.87 8.11
CA LYS B 159 23.74 9.96 8.05
C LYS B 159 23.08 11.13 7.35
N TYR B 160 23.57 12.34 7.62
CA TYR B 160 22.94 13.52 7.06
C TYR B 160 23.95 14.66 7.00
N ASP B 161 23.50 15.79 6.45
CA ASP B 161 24.37 16.96 6.32
C ASP B 161 23.46 18.20 6.28
N ASN B 162 23.29 18.83 7.44
CA ASN B 162 22.46 20.02 7.55
C ASN B 162 23.26 21.31 7.35
N GLU B 163 24.54 21.23 7.01
CA GLU B 163 25.31 22.40 6.64
C GLU B 163 24.90 22.83 5.24
N CYS B 164 24.30 24.01 5.12
CA CYS B 164 23.86 24.57 3.85
C CYS B 164 24.90 25.53 3.28
N VAL B 165 24.85 25.70 1.95
CA VAL B 165 25.76 26.62 1.29
C VAL B 165 25.35 28.07 1.55
N LYS B 166 24.06 28.35 1.48
CA LYS B 166 23.51 29.68 1.73
C LYS B 166 22.56 29.64 2.92
N ASP B 167 22.38 30.79 3.57
CA ASP B 167 21.49 30.87 4.71
C ASP B 167 20.05 31.10 4.23
N TRP B 168 19.12 31.10 5.18
CA TRP B 168 17.70 31.21 4.87
C TRP B 168 17.38 32.55 4.21
N ASN B 169 18.00 33.63 4.67
CA ASN B 169 17.78 34.94 4.06
C ASN B 169 18.16 34.92 2.58
N TYR B 170 19.26 34.24 2.25
CA TYR B 170 19.66 34.08 0.86
C TYR B 170 18.65 33.21 0.10
N ASN B 171 18.39 32.00 0.60
CA ASN B 171 17.54 31.07 -0.13
C ASN B 171 16.10 31.54 -0.23
N LYS B 172 15.67 32.45 0.65
CA LYS B 172 14.31 32.99 0.59
C LYS B 172 14.02 33.64 -0.76
N THR B 173 15.02 34.28 -1.36
CA THR B 173 14.83 35.03 -2.60
C THR B 173 15.77 34.59 -3.72
N VAL B 174 16.44 33.44 -3.58
CA VAL B 174 17.41 33.04 -4.59
C VAL B 174 16.72 32.60 -5.88
N TYR B 175 15.47 32.12 -5.78
CA TYR B 175 14.77 31.72 -7.00
C TYR B 175 14.46 32.93 -7.86
N ASP B 176 13.76 33.91 -7.30
CA ASP B 176 13.40 35.10 -8.05
C ASP B 176 14.63 35.79 -8.64
N LEU B 177 15.65 36.02 -7.81
CA LEU B 177 16.75 36.88 -8.20
C LEU B 177 17.86 36.16 -8.94
N CYS B 178 17.90 34.82 -8.94
CA CYS B 178 18.99 34.12 -9.62
C CYS B 178 18.56 32.89 -10.41
N VAL B 179 17.54 32.16 -10.00
CA VAL B 179 17.19 30.92 -10.69
C VAL B 179 16.26 31.20 -11.87
N ALA B 180 15.21 32.00 -11.63
CA ALA B 180 14.07 32.05 -12.54
C ALA B 180 14.49 32.50 -13.94
N ASP B 181 15.37 33.48 -14.04
CA ASP B 181 15.72 34.08 -15.32
C ASP B 181 17.09 33.63 -15.82
N ASN B 182 17.53 32.42 -15.45
CA ASN B 182 18.72 31.82 -16.03
C ASN B 182 18.58 30.31 -16.13
N ARG B 183 17.34 29.82 -16.22
CA ARG B 183 17.07 28.39 -16.31
C ARG B 183 17.96 27.71 -17.35
N GLU B 184 18.32 28.44 -18.41
CA GLU B 184 19.13 27.88 -19.49
C GLU B 184 20.57 27.64 -19.04
N LEU B 185 21.16 28.57 -18.29
CA LEU B 185 22.52 28.39 -17.83
C LEU B 185 22.63 27.29 -16.78
N ILE B 186 21.57 27.08 -16.00
CA ILE B 186 21.61 26.05 -14.96
C ILE B 186 21.65 24.67 -15.60
N LYS B 187 20.87 24.45 -16.66
CA LYS B 187 20.92 23.17 -17.36
C LYS B 187 22.28 22.92 -17.98
N GLY B 188 23.08 23.97 -18.22
CA GLY B 188 24.43 23.76 -18.70
C GLY B 188 25.38 23.26 -17.63
N MET B 189 25.17 23.68 -16.38
CA MET B 189 25.95 23.12 -15.27
C MET B 189 25.38 21.77 -14.85
N ILE B 190 24.07 21.56 -15.02
CA ILE B 190 23.44 20.26 -14.82
C ILE B 190 24.26 19.23 -15.58
N ALA B 191 24.48 19.48 -16.87
CA ALA B 191 25.27 18.55 -17.68
C ALA B 191 26.76 18.61 -17.35
N LEU B 192 27.24 19.71 -16.78
CA LEU B 192 28.63 19.76 -16.34
C LEU B 192 28.87 18.86 -15.14
N GLN B 193 27.88 18.76 -14.24
CA GLN B 193 28.08 17.96 -13.02
C GLN B 193 28.28 16.49 -13.36
N ASN B 194 27.40 15.94 -14.20
CA ASN B 194 27.44 14.52 -14.57
C ASN B 194 28.34 14.25 -15.77
N ASN B 195 29.02 15.27 -16.31
CA ASN B 195 30.10 15.01 -17.25
C ASN B 195 31.21 14.24 -16.55
N SER B 196 31.80 13.28 -17.28
CA SER B 196 32.77 12.37 -16.67
C SER B 196 34.02 13.10 -16.21
N TYR B 197 34.42 14.16 -16.90
CA TYR B 197 35.68 14.82 -16.57
C TYR B 197 35.61 15.50 -15.21
N PHE B 198 34.56 16.30 -14.98
CA PHE B 198 34.42 17.00 -13.71
C PHE B 198 34.11 16.04 -12.57
N ASN B 199 33.24 15.06 -12.82
CA ASN B 199 33.05 13.97 -11.87
C ASN B 199 34.37 13.31 -11.52
N ASN B 200 35.24 13.13 -12.52
CA ASN B 200 36.54 12.49 -12.31
C ASN B 200 37.41 13.30 -11.36
N VAL B 201 37.63 14.58 -11.68
CA VAL B 201 38.68 15.34 -11.02
C VAL B 201 38.34 15.64 -9.55
N TYR B 202 37.06 15.77 -9.22
CA TYR B 202 36.69 16.02 -7.84
C TYR B 202 36.93 14.79 -6.96
N LYS B 203 37.17 13.63 -7.57
CA LYS B 203 37.65 12.48 -6.80
C LYS B 203 38.98 12.79 -6.12
N ARG B 204 39.88 13.48 -6.82
CA ARG B 204 41.25 13.69 -6.37
C ARG B 204 41.41 14.92 -5.49
N LYS B 205 40.74 16.02 -5.82
CA LYS B 205 40.97 17.26 -5.12
C LYS B 205 39.63 17.92 -4.84
N ASP B 206 39.68 18.80 -3.86
CA ASP B 206 38.55 19.52 -3.38
C ASP B 206 38.28 20.91 -3.94
N PHE B 207 39.24 21.55 -4.59
CA PHE B 207 38.95 22.86 -5.16
C PHE B 207 39.39 22.93 -6.61
N LEU B 208 38.49 23.26 -7.53
CA LEU B 208 38.85 23.40 -8.93
C LEU B 208 38.65 24.83 -9.41
N ASP B 209 39.69 25.39 -9.98
CA ASP B 209 39.76 26.77 -10.41
C ASP B 209 39.25 27.01 -11.80
N PHE B 210 38.02 27.45 -11.91
CA PHE B 210 37.39 27.62 -13.21
C PHE B 210 38.01 28.49 -14.29
N THR B 211 38.92 29.33 -13.88
CA THR B 211 39.74 30.20 -14.74
C THR B 211 40.66 29.38 -15.65
N GLN B 212 41.22 28.28 -15.16
CA GLN B 212 42.33 27.59 -15.80
C GLN B 212 41.92 26.30 -16.48
N ILE B 213 40.63 26.02 -16.59
CA ILE B 213 40.15 24.87 -17.35
C ILE B 213 40.04 25.26 -18.82
N GLU B 214 40.52 24.39 -19.71
CA GLU B 214 40.53 24.69 -21.15
C GLU B 214 39.23 24.24 -21.81
N GLU B 215 38.87 24.94 -22.89
CA GLU B 215 37.50 24.98 -23.36
C GLU B 215 37.01 23.72 -24.06
N GLU B 216 37.88 22.75 -24.36
CA GLU B 216 37.34 21.49 -24.83
C GLU B 216 37.04 20.53 -23.69
N LYS B 217 37.54 20.81 -22.48
CA LYS B 217 36.91 20.23 -21.29
C LYS B 217 35.46 20.70 -21.18
N PHE B 218 35.17 21.89 -21.73
CA PHE B 218 33.84 22.49 -21.63
C PHE B 218 32.89 21.96 -22.70
N ILE B 219 33.39 21.71 -23.92
CA ILE B 219 32.53 21.22 -24.98
C ILE B 219 32.41 19.69 -24.95
N ALA B 220 33.32 19.00 -24.24
CA ALA B 220 33.16 17.56 -24.03
C ALA B 220 31.87 17.25 -23.27
N ILE B 221 31.40 18.19 -22.46
CA ILE B 221 30.07 18.08 -21.86
C ILE B 221 29.02 17.98 -22.95
N ASN B 222 29.28 18.58 -24.12
CA ASN B 222 28.31 18.79 -25.19
C ASN B 222 26.90 19.04 -24.65
N HIS B 223 26.77 20.21 -24.03
CA HIS B 223 25.50 20.91 -23.88
C HIS B 223 25.69 22.27 -24.53
N PRO B 224 24.70 22.72 -25.32
CA PRO B 224 24.76 23.97 -26.06
C PRO B 224 25.13 25.17 -25.25
N ALA B 225 24.66 25.25 -24.01
CA ALA B 225 24.96 26.39 -23.16
C ALA B 225 26.24 26.21 -22.36
N ALA B 226 26.85 25.05 -22.50
CA ALA B 226 28.08 24.80 -21.78
C ALA B 226 29.18 25.40 -22.60
N THR B 227 29.45 26.64 -22.31
CA THR B 227 30.48 27.41 -22.94
C THR B 227 31.17 27.93 -21.74
N LYS B 228 32.47 27.66 -21.58
CA LYS B 228 33.24 28.07 -20.42
C LYS B 228 32.93 29.40 -19.79
N GLU B 229 32.36 30.33 -20.52
CA GLU B 229 32.16 31.63 -19.89
C GLU B 229 30.81 31.72 -19.16
N ASN B 230 29.78 31.04 -19.65
CA ASN B 230 28.46 31.17 -19.05
C ASN B 230 28.32 30.31 -17.81
N MET B 231 29.18 29.30 -17.67
CA MET B 231 29.26 28.62 -16.39
C MET B 231 30.11 29.43 -15.39
N ILE B 232 31.11 30.19 -15.87
CA ILE B 232 31.72 31.23 -15.03
C ILE B 232 30.67 32.28 -14.66
N LYS B 233 29.81 32.66 -15.63
CA LYS B 233 28.84 33.71 -15.38
C LYS B 233 27.82 33.29 -14.32
N ILE B 234 27.21 32.11 -14.50
CA ILE B 234 26.21 31.65 -13.53
C ILE B 234 26.85 31.25 -12.20
N LEU B 235 28.14 30.88 -12.21
CA LEU B 235 28.85 30.71 -10.95
C LEU B 235 29.01 32.03 -10.23
N GLN B 236 29.20 33.11 -11.00
CA GLN B 236 29.30 34.44 -10.40
C GLN B 236 27.94 34.93 -9.94
N ILE B 237 26.89 34.62 -10.70
CA ILE B 237 25.53 35.05 -10.33
C ILE B 237 25.15 34.52 -8.96
N PHE B 238 25.49 33.27 -8.66
CA PHE B 238 25.22 32.72 -7.35
C PHE B 238 26.28 33.09 -6.31
N GLY B 239 27.27 33.91 -6.71
CA GLY B 239 28.15 34.53 -5.75
C GLY B 239 29.35 33.72 -5.35
N PHE B 240 29.75 32.73 -6.14
CA PHE B 240 30.84 31.86 -5.73
C PHE B 240 32.17 32.34 -6.26
N ASP B 241 33.23 31.91 -5.58
CA ASP B 241 34.60 32.22 -5.95
C ASP B 241 35.00 31.33 -7.11
N VAL B 242 34.96 31.87 -8.33
CA VAL B 242 35.41 31.12 -9.49
C VAL B 242 36.86 30.68 -9.38
N SER B 243 37.62 31.23 -8.41
CA SER B 243 38.96 30.73 -8.16
C SER B 243 38.96 29.35 -7.52
N ARG B 244 37.93 28.99 -6.76
CA ARG B 244 38.02 27.77 -5.96
C ARG B 244 36.63 27.16 -5.83
N ILE B 245 36.04 26.79 -6.96
CA ILE B 245 34.74 26.14 -6.95
C ILE B 245 34.87 24.77 -6.30
N GLU B 246 34.05 24.51 -5.29
CA GLU B 246 33.92 23.18 -4.72
C GLU B 246 32.74 22.49 -5.39
N HIS B 247 32.73 21.17 -5.28
CA HIS B 247 31.69 20.38 -5.88
C HIS B 247 30.39 20.73 -5.24
N LYS B 248 30.43 21.07 -3.97
CA LYS B 248 29.21 21.48 -3.28
C LYS B 248 28.56 22.72 -3.92
N HIS B 249 29.36 23.67 -4.42
CA HIS B 249 28.85 24.83 -5.11
C HIS B 249 28.17 24.44 -6.40
N ILE B 250 28.74 23.48 -7.10
CA ILE B 250 28.11 22.96 -8.30
C ILE B 250 26.75 22.36 -7.97
N ARG B 251 26.72 21.50 -6.96
CA ARG B 251 25.45 20.87 -6.55
C ARG B 251 24.42 21.90 -6.13
N TYR B 252 24.87 23.02 -5.53
CA TYR B 252 23.91 24.04 -5.11
C TYR B 252 23.17 24.62 -6.31
N ILE B 253 23.87 24.87 -7.42
CA ILE B 253 23.21 25.45 -8.59
C ILE B 253 22.34 24.41 -9.29
N THR B 254 22.76 23.15 -9.28
CA THR B 254 22.01 22.12 -10.00
C THR B 254 20.69 21.77 -9.34
N GLY B 255 20.45 22.23 -8.11
CA GLY B 255 19.20 21.97 -7.44
C GLY B 255 19.30 22.00 -5.92
N GLY B 256 20.53 21.86 -5.42
CA GLY B 256 20.74 21.92 -3.98
C GLY B 256 20.15 23.17 -3.35
N TRP B 257 20.07 24.27 -4.10
CA TRP B 257 19.42 25.47 -3.58
C TRP B 257 17.98 25.21 -3.16
N PHE B 258 17.28 24.32 -3.88
CA PHE B 258 15.89 24.01 -3.57
C PHE B 258 15.79 23.10 -2.35
N GLU B 259 16.73 22.17 -2.20
CA GLU B 259 16.77 21.34 -1.00
C GLU B 259 17.07 22.18 0.24
N GLU B 260 17.99 23.13 0.11
CA GLU B 260 18.26 24.04 1.22
C GLU B 260 17.05 24.95 1.50
N TYR B 261 16.38 25.40 0.45
CA TYR B 261 15.19 26.22 0.64
C TYR B 261 14.13 25.46 1.44
N VAL B 262 13.84 24.22 1.05
CA VAL B 262 12.82 23.44 1.74
C VAL B 262 13.24 23.15 3.17
N TYR B 263 14.44 22.56 3.34
CA TYR B 263 14.97 22.31 4.67
C TYR B 263 14.83 23.54 5.57
N GLN B 264 15.28 24.70 5.09
CA GLN B 264 15.29 25.90 5.94
C GLN B 264 13.90 26.48 6.14
N LYS B 265 13.01 26.35 5.16
CA LYS B 265 11.64 26.80 5.33
C LYS B 265 10.93 25.99 6.42
N ILE B 266 11.17 24.67 6.48
CA ILE B 266 10.60 23.86 7.55
C ILE B 266 11.11 24.33 8.90
N CYS B 267 12.44 24.42 9.05
CA CYS B 267 13.05 24.83 10.31
C CYS B 267 12.53 26.21 10.74
N ASN B 268 12.31 27.12 9.79
CA ASN B 268 11.92 28.48 10.16
C ASN B 268 10.41 28.69 10.24
N GLU B 269 9.61 27.92 9.50
CA GLU B 269 8.20 28.27 9.33
C GLU B 269 7.19 27.19 9.68
N TYR B 270 7.58 25.93 9.85
CA TYR B 270 6.61 24.86 10.04
C TYR B 270 6.29 24.70 11.53
N HIS B 271 5.01 24.81 11.88
CA HIS B 271 4.62 24.88 13.28
C HIS B 271 4.82 23.55 13.99
N ASN B 272 4.25 22.49 13.43
CA ASN B 272 4.13 21.22 14.13
C ASN B 272 5.40 20.39 14.09
N VAL B 273 6.55 20.98 13.77
CA VAL B 273 7.81 20.24 13.73
C VAL B 273 8.90 21.06 14.42
N ASP B 274 9.66 20.39 15.27
CA ASP B 274 10.85 20.96 15.88
C ASP B 274 12.04 20.78 14.94
N GLU B 275 12.86 21.83 14.82
CA GLU B 275 13.95 21.79 13.84
C GLU B 275 15.03 20.78 14.20
N LYS B 276 15.15 20.40 15.48
CA LYS B 276 16.12 19.37 15.82
C LYS B 276 15.74 18.01 15.21
N ASN B 277 14.51 17.87 14.74
CA ASN B 277 14.07 16.64 14.10
C ASN B 277 13.94 16.78 12.59
N VAL B 278 14.57 17.79 12.00
CA VAL B 278 14.63 17.94 10.55
C VAL B 278 16.05 17.63 10.11
N ALA B 279 16.17 16.81 9.07
CA ALA B 279 17.47 16.43 8.54
C ALA B 279 17.46 16.59 7.02
N LEU B 280 18.60 17.01 6.48
CA LEU B 280 18.76 17.26 5.05
C LEU B 280 19.90 16.40 4.49
N ASN B 281 19.77 16.01 3.23
CA ASN B 281 20.78 15.21 2.53
C ASN B 281 21.07 13.93 3.32
N VAL B 282 20.01 13.16 3.55
CA VAL B 282 20.05 12.02 4.45
C VAL B 282 20.29 10.76 3.64
N THR B 283 21.14 9.88 4.17
CA THR B 283 21.26 8.51 3.67
C THR B 283 20.82 7.55 4.78
N ILE B 284 19.85 6.68 4.47
CA ILE B 284 19.35 5.70 5.44
C ILE B 284 19.91 4.34 5.10
N GLN B 285 20.14 3.52 6.12
CA GLN B 285 20.75 2.22 5.97
C GLN B 285 20.06 1.17 6.84
N LYS B 286 19.72 0.04 6.22
CA LYS B 286 19.15 -1.09 6.95
C LYS B 286 19.65 -2.36 6.26
N GLY B 287 20.58 -3.06 6.92
CA GLY B 287 21.20 -4.22 6.31
C GLY B 287 22.10 -3.80 5.15
N ASN B 288 21.85 -4.39 3.99
CA ASN B 288 22.60 -4.07 2.78
C ASN B 288 21.86 -3.11 1.87
N ASP B 289 20.83 -2.44 2.40
CA ASP B 289 20.04 -1.48 1.64
C ASP B 289 20.39 -0.07 2.07
N LYS B 290 20.75 0.76 1.09
CA LYS B 290 21.05 2.17 1.31
C LYS B 290 20.14 2.99 0.41
N ASN B 291 19.70 4.13 0.92
CA ASN B 291 19.00 5.05 0.05
C ASN B 291 19.20 6.47 0.56
N GLU B 292 19.02 7.42 -0.34
CA GLU B 292 19.20 8.83 -0.06
C GLU B 292 17.84 9.52 -0.10
N LEU B 293 17.61 10.43 0.83
CA LEU B 293 16.40 11.22 0.85
C LEU B 293 16.79 12.70 0.91
N ASP B 294 15.96 13.54 0.32
CA ASP B 294 16.28 14.97 0.27
C ASP B 294 16.10 15.59 1.65
N VAL B 295 14.85 15.66 2.13
CA VAL B 295 14.55 16.21 3.44
C VAL B 295 13.54 15.28 4.12
N ILE B 296 13.81 14.94 5.39
CA ILE B 296 12.91 14.16 6.24
C ILE B 296 12.75 14.91 7.56
N TYR B 297 11.58 14.78 8.17
CA TYR B 297 11.39 15.36 9.51
C TYR B 297 10.31 14.60 10.26
N LEU B 298 10.55 14.42 11.56
CA LEU B 298 9.58 13.87 12.51
C LEU B 298 8.84 15.05 13.14
N ASP B 299 7.53 15.14 12.92
CA ASP B 299 6.79 16.27 13.48
C ASP B 299 6.51 16.04 14.97
N LYS B 300 5.78 16.97 15.58
CA LYS B 300 5.51 16.88 17.01
C LYS B 300 4.45 15.85 17.34
N ASP B 301 3.85 15.20 16.34
CA ASP B 301 2.95 14.08 16.55
C ASP B 301 3.64 12.74 16.26
N ASN B 302 4.97 12.74 16.25
CA ASN B 302 5.78 11.56 15.95
C ASN B 302 5.46 10.94 14.58
N LYS B 303 4.94 11.76 13.66
CA LYS B 303 4.67 11.34 12.29
C LYS B 303 5.87 11.70 11.41
N LEU B 304 6.39 10.71 10.69
CA LEU B 304 7.57 10.92 9.84
C LEU B 304 7.15 11.38 8.45
N HIS B 305 7.79 12.44 7.98
CA HIS B 305 7.53 13.03 6.67
C HIS B 305 8.78 12.92 5.82
N VAL B 306 8.60 12.52 4.56
CA VAL B 306 9.68 12.38 3.59
C VAL B 306 9.34 13.27 2.40
N ILE B 307 10.30 14.06 1.93
CA ILE B 307 10.06 15.05 0.89
C ILE B 307 11.00 14.79 -0.27
N GLU B 308 10.42 14.61 -1.46
CA GLU B 308 11.17 14.56 -2.70
C GLU B 308 11.27 15.97 -3.27
N CYS B 309 12.47 16.52 -3.32
CA CYS B 309 12.71 17.89 -3.79
C CYS B 309 13.14 17.86 -5.25
N LYS B 310 12.20 18.18 -6.14
CA LYS B 310 12.48 18.34 -7.58
C LYS B 310 12.22 19.80 -7.92
N SER B 311 13.31 20.57 -8.11
CA SER B 311 13.18 22.01 -8.31
C SER B 311 12.26 22.34 -9.48
N PHE B 312 12.34 21.57 -10.56
CA PHE B 312 11.54 21.82 -11.75
C PHE B 312 10.98 20.52 -12.29
N VAL B 313 9.72 20.49 -12.63
CA VAL B 313 9.16 19.29 -13.15
C VAL B 313 8.52 19.74 -14.41
N ASP B 314 9.35 20.24 -15.28
CA ASP B 314 8.91 20.80 -16.53
C ASP B 314 8.64 19.77 -17.62
N GLY B 315 8.24 20.25 -18.76
CA GLY B 315 7.99 19.39 -19.88
C GLY B 315 6.91 18.38 -19.63
N ASN B 316 7.06 17.22 -20.26
CA ASN B 316 6.09 16.20 -20.09
C ASN B 316 6.91 15.02 -19.70
N GLU B 317 7.50 15.18 -18.53
CA GLU B 317 8.28 14.18 -17.84
C GLU B 317 7.42 13.76 -16.64
N GLY B 318 6.12 14.02 -16.67
CA GLY B 318 5.26 13.77 -15.54
C GLY B 318 5.14 12.38 -15.05
N ASN B 319 4.98 11.45 -15.97
CA ASN B 319 4.87 10.08 -15.59
C ASN B 319 6.12 9.57 -14.96
N ARG B 320 7.27 9.98 -15.44
CA ARG B 320 8.50 9.52 -14.85
C ARG B 320 8.73 9.91 -13.40
N VAL B 321 8.61 11.17 -13.09
CA VAL B 321 8.83 11.61 -11.71
C VAL B 321 7.77 11.06 -10.77
N LEU B 322 6.59 10.71 -11.28
CA LEU B 322 5.58 10.07 -10.44
C LEU B 322 6.00 8.64 -10.06
N ASN B 323 6.53 7.89 -11.02
CA ASN B 323 7.01 6.53 -10.70
C ASN B 323 8.21 6.56 -9.78
N ASP B 324 9.14 7.49 -10.05
CA ASP B 324 10.29 7.65 -9.18
C ASP B 324 9.86 7.98 -7.75
N ALA B 325 8.84 8.83 -7.60
CA ALA B 325 8.32 9.15 -6.27
C ALA B 325 7.62 7.93 -5.65
N LEU B 326 6.75 7.29 -6.43
CA LEU B 326 6.08 6.07 -5.96
C LEU B 326 7.09 4.97 -5.67
N TYR B 327 8.12 4.83 -6.51
CA TYR B 327 9.13 3.80 -6.26
C TYR B 327 9.84 4.07 -4.95
N LYS B 328 10.17 5.33 -4.67
CA LYS B 328 10.87 5.65 -3.44
C LYS B 328 9.98 5.42 -2.22
N LEU B 329 8.72 5.86 -2.29
CA LEU B 329 7.85 5.74 -1.12
C LEU B 329 7.46 4.29 -0.85
N GLN B 330 6.98 3.58 -1.87
CA GLN B 330 6.42 2.26 -1.66
C GLN B 330 7.46 1.15 -1.79
N ALA B 331 8.19 1.12 -2.89
CA ALA B 331 9.11 0.02 -3.13
C ALA B 331 10.28 0.04 -2.17
N ILE B 332 10.84 1.22 -1.90
CA ILE B 332 12.06 1.33 -1.10
C ILE B 332 11.72 1.61 0.36
N ILE B 333 11.08 2.76 0.62
CA ILE B 333 10.93 3.23 1.99
C ILE B 333 10.00 2.31 2.78
N LYS B 334 8.87 1.94 2.19
CA LYS B 334 7.91 1.12 2.92
C LYS B 334 8.32 -0.36 2.92
N SER B 335 8.57 -0.92 1.73
CA SER B 335 8.72 -2.38 1.64
C SER B 335 10.09 -2.86 2.09
N LYS B 336 11.16 -2.14 1.72
CA LYS B 336 12.50 -2.56 2.13
C LYS B 336 12.90 -2.01 3.50
N PHE B 337 12.48 -0.79 3.84
CA PHE B 337 12.87 -0.21 5.11
C PHE B 337 11.78 -0.30 6.17
N GLY B 338 10.56 -0.71 5.81
CA GLY B 338 9.51 -0.85 6.78
C GLY B 338 9.06 0.44 7.41
N LEU B 339 9.08 1.54 6.66
CA LEU B 339 8.70 2.84 7.18
C LEU B 339 7.34 3.27 6.64
N TYR B 340 6.43 3.59 7.53
CA TYR B 340 5.13 4.13 7.15
C TYR B 340 5.22 5.65 7.36
N VAL B 341 5.50 6.36 6.26
CA VAL B 341 5.79 7.78 6.30
C VAL B 341 4.71 8.52 5.53
N LYS B 342 4.61 9.81 5.82
CA LYS B 342 3.88 10.73 4.96
C LYS B 342 4.86 11.32 3.96
N GLN B 343 4.64 11.07 2.67
CA GLN B 343 5.56 11.59 1.68
C GLN B 343 4.98 12.79 0.94
N HIS B 344 5.88 13.68 0.54
CA HIS B 344 5.55 14.91 -0.16
C HIS B 344 6.39 15.02 -1.41
N LEU B 345 5.92 15.80 -2.36
CA LEU B 345 6.72 16.20 -3.52
C LEU B 345 6.64 17.70 -3.65
N TYR B 346 7.76 18.38 -3.44
CA TYR B 346 7.83 19.84 -3.49
C TYR B 346 8.47 20.27 -4.80
N THR B 347 7.87 21.23 -5.48
CA THR B 347 8.44 21.71 -6.73
C THR B 347 8.10 23.18 -6.94
N LYS B 348 9.03 23.89 -7.58
CA LYS B 348 8.82 25.28 -7.96
C LYS B 348 7.92 25.42 -9.19
N SER B 349 7.81 24.37 -10.02
CA SER B 349 6.96 24.41 -11.19
C SER B 349 5.49 24.31 -10.77
N ILE B 350 4.61 24.56 -11.74
CA ILE B 350 3.18 24.45 -11.50
C ILE B 350 2.70 23.12 -12.07
N ILE B 351 2.09 22.30 -11.21
CA ILE B 351 1.42 21.08 -11.67
C ILE B 351 0.04 21.49 -12.18
N GLU B 352 -0.18 21.36 -13.48
CA GLU B 352 -1.51 21.65 -13.98
C GLU B 352 -2.44 20.47 -13.63
N LYS B 353 -3.73 20.75 -13.63
CA LYS B 353 -4.69 19.67 -13.64
C LYS B 353 -4.69 19.02 -15.03
N GLU B 354 -5.21 17.79 -15.07
CA GLU B 354 -5.19 16.92 -16.25
C GLU B 354 -3.80 16.39 -16.56
N THR B 355 -2.92 16.33 -15.58
CA THR B 355 -1.54 15.87 -15.76
C THR B 355 -1.29 14.63 -14.93
N PRO B 356 -0.28 13.82 -15.29
CA PRO B 356 0.04 12.65 -14.47
C PRO B 356 0.30 12.97 -13.01
N LEU B 357 1.19 13.94 -12.71
CA LEU B 357 1.50 14.25 -11.32
C LEU B 357 0.29 14.73 -10.55
N ASN B 358 -0.75 15.19 -11.23
CA ASN B 358 -1.98 15.59 -10.56
C ASN B 358 -2.72 14.41 -9.96
N ARG B 359 -2.34 13.19 -10.32
CA ARG B 359 -2.86 11.99 -9.67
C ARG B 359 -2.24 11.76 -8.29
N ALA B 360 -1.16 12.48 -7.95
CA ALA B 360 -0.32 12.05 -6.84
C ALA B 360 -1.10 11.96 -5.53
N LYS B 361 -2.04 12.87 -5.31
CA LYS B 361 -2.80 12.85 -4.06
C LYS B 361 -3.58 11.56 -3.90
N GLU B 362 -4.10 11.01 -5.01
CA GLU B 362 -4.82 9.76 -4.94
C GLU B 362 -3.92 8.60 -4.58
N PHE B 363 -2.60 8.77 -4.72
CA PHE B 363 -1.61 7.81 -4.24
C PHE B 363 -1.12 8.13 -2.84
N GLY B 364 -1.61 9.21 -2.22
CA GLY B 364 -1.19 9.61 -0.90
C GLY B 364 -0.06 10.62 -0.87
N ILE B 365 0.39 11.09 -2.01
CA ILE B 365 1.53 12.00 -2.11
C ILE B 365 0.98 13.42 -2.24
N ASP B 366 1.16 14.22 -1.19
CA ASP B 366 0.75 15.61 -1.24
C ASP B 366 1.83 16.43 -1.94
N ILE B 367 1.42 17.24 -2.91
CA ILE B 367 2.34 18.03 -3.73
C ILE B 367 2.19 19.49 -3.36
N LYS B 368 3.32 20.14 -3.07
CA LYS B 368 3.36 21.58 -2.90
C LYS B 368 3.95 22.20 -4.16
N ASP B 369 3.14 22.98 -4.84
CA ASP B 369 3.41 23.56 -6.15
C ASP B 369 4.22 24.84 -6.01
N GLY B 370 4.53 25.47 -7.15
CA GLY B 370 5.01 26.84 -7.12
C GLY B 370 3.97 27.81 -6.58
N THR B 371 2.68 27.47 -6.69
CA THR B 371 1.64 28.27 -6.06
C THR B 371 1.86 28.36 -4.55
N GLN B 372 2.20 27.24 -3.92
CA GLN B 372 2.40 27.21 -2.47
C GLN B 372 3.84 27.54 -2.05
N LEU B 373 4.80 27.40 -2.95
CA LEU B 373 6.18 27.78 -2.68
C LEU B 373 6.58 28.95 -3.60
#